data_4DKW
#
_entry.id   4DKW
#
_cell.length_a   60.921
_cell.length_b   139.795
_cell.length_c   61.005
_cell.angle_alpha   90.00
_cell.angle_beta   95.10
_cell.angle_gamma   90.00
#
_symmetry.space_group_name_H-M   'P 1 21 1'
#
loop_
_entity.id
_entity.type
_entity.pdbx_description
1 polymer 'Large terminase protein'
2 non-polymer 'MAGNESIUM ION'
3 non-polymer 'SULFATE ION'
4 water water
#
_entity_poly.entity_id   1
_entity_poly.type   'polypeptide(L)'
_entity_poly.pdbx_seq_one_letter_code
;TMGSGRIFQIPEETIKCQPFECPDHFYVIDAQDFGWNHPQAHIQLWWDKDADVFYLARVWKKSENTAVQAWGAVKSWANK
IPVAWPHDGHQHEKGGGEQLKTQYADAGFSMLPDHATFPDGGNSVESGISELRDLMLEGRFKVFNTCEPFFEEFRLYHRD
ENGKIVKTNDDVLDATRYGYMMRRFARMMRDIRKPKEKKIPAPIRPVRRGR
;
_entity_poly.pdbx_strand_id   A,B,C,D
#
# COMPACT_ATOMS: atom_id res chain seq x y z
N THR A 1 16.91 8.00 -2.21
CA THR A 1 15.81 8.03 -3.18
C THR A 1 14.44 7.90 -2.50
N MET A 2 14.32 6.94 -1.59
CA MET A 2 13.19 6.88 -0.66
C MET A 2 13.62 7.36 0.72
N GLY A 3 14.68 8.17 0.74
CA GLY A 3 15.22 8.76 1.95
C GLY A 3 15.61 7.76 3.02
N SER A 4 15.14 8.00 4.24
CA SER A 4 15.34 7.07 5.35
C SER A 4 14.23 6.00 5.40
N GLY A 5 13.34 6.01 4.41
CA GLY A 5 12.34 4.97 4.26
C GLY A 5 10.92 5.46 4.05
N ARG A 6 10.08 4.55 3.55
CA ARG A 6 8.68 4.87 3.28
C ARG A 6 7.91 5.12 4.57
N ILE A 7 6.95 6.03 4.48
CA ILE A 7 6.14 6.43 5.62
C ILE A 7 5.10 5.35 5.94
N PHE A 8 4.44 4.83 4.90
CA PHE A 8 3.48 3.74 5.08
C PHE A 8 4.09 2.42 4.58
N GLN A 9 4.73 1.69 5.49
CA GLN A 9 5.30 0.39 5.12
C GLN A 9 4.26 -0.71 5.28
N ILE A 10 3.25 -0.64 4.43
CA ILE A 10 2.09 -1.49 4.51
C ILE A 10 1.81 -1.96 3.07
N PRO A 11 1.55 -3.25 2.89
CA PRO A 11 1.20 -3.76 1.56
C PRO A 11 -0.06 -3.08 1.04
N GLU A 12 0.01 -2.48 -0.16
CA GLU A 12 -1.14 -1.83 -0.80
C GLU A 12 -2.41 -2.65 -0.80
N GLU A 13 -2.26 -3.96 -1.00
CA GLU A 13 -3.39 -4.84 -1.11
C GLU A 13 -4.17 -4.99 0.19
N THR A 14 -3.50 -4.73 1.32
CA THR A 14 -4.19 -4.76 2.61
C THR A 14 -5.14 -3.58 2.79
N ILE A 15 -4.88 -2.46 2.11
CA ILE A 15 -5.77 -1.30 2.24
C ILE A 15 -6.69 -1.07 1.03
N LYS A 16 -6.51 -1.87 -0.02
CA LYS A 16 -7.29 -1.75 -1.25
C LYS A 16 -8.62 -2.52 -1.08
N CYS A 17 -9.72 -2.00 -1.63
CA CYS A 17 -10.98 -2.74 -1.62
C CYS A 17 -11.75 -2.55 -2.92
N GLN A 18 -12.68 -3.46 -3.21
CA GLN A 18 -13.62 -3.30 -4.33
C GLN A 18 -14.63 -2.20 -4.04
N PRO A 19 -14.91 -1.35 -5.05
CA PRO A 19 -15.95 -0.32 -4.92
C PRO A 19 -17.33 -0.91 -4.61
N PHE A 20 -18.15 -0.15 -3.90
CA PHE A 20 -19.51 -0.54 -3.59
C PHE A 20 -20.30 0.76 -3.50
N GLU A 21 -21.62 0.65 -3.44
CA GLU A 21 -22.46 1.83 -3.26
C GLU A 21 -22.57 2.21 -1.79
N CYS A 22 -22.52 3.52 -1.52
CA CYS A 22 -22.57 4.02 -0.16
C CYS A 22 -23.89 3.70 0.55
N PRO A 23 -23.83 2.92 1.64
CA PRO A 23 -25.04 2.67 2.44
C PRO A 23 -25.58 3.99 3.03
N ASP A 24 -26.88 4.04 3.25
CA ASP A 24 -27.56 5.22 3.77
C ASP A 24 -26.98 5.76 5.08
N HIS A 25 -26.46 4.87 5.91
CA HIS A 25 -26.03 5.24 7.25
C HIS A 25 -24.55 5.58 7.32
N PHE A 26 -23.83 5.51 6.20
CA PHE A 26 -22.43 5.93 6.19
C PHE A 26 -22.40 7.44 6.13
N TYR A 27 -21.33 8.02 6.65
CA TYR A 27 -21.13 9.46 6.56
C TYR A 27 -20.17 9.81 5.41
N VAL A 28 -20.35 11.00 4.83
CA VAL A 28 -19.64 11.39 3.63
C VAL A 28 -19.02 12.77 3.80
N ILE A 29 -17.75 12.91 3.43
CA ILE A 29 -17.08 14.21 3.44
C ILE A 29 -16.09 14.29 2.28
N ASP A 30 -15.97 15.49 1.71
CA ASP A 30 -15.02 15.73 0.64
C ASP A 30 -13.86 16.55 1.19
N ALA A 31 -12.77 16.57 0.44
CA ALA A 31 -11.66 17.43 0.81
C ALA A 31 -10.91 17.91 -0.43
N GLN A 32 -10.24 19.05 -0.27
CA GLN A 32 -9.55 19.72 -1.37
C GLN A 32 -8.11 20.04 -0.99
N ASP A 33 -7.18 19.79 -1.91
CA ASP A 33 -5.85 20.36 -1.81
C ASP A 33 -5.73 21.31 -2.99
N PHE A 34 -5.34 22.55 -2.72
CA PHE A 34 -5.26 23.53 -3.79
C PHE A 34 -3.95 23.38 -4.55
N GLY A 35 -3.96 23.75 -5.83
CA GLY A 35 -2.77 23.67 -6.65
C GLY A 35 -2.96 24.06 -8.11
N TRP A 36 -2.02 24.84 -8.64
CA TRP A 36 -2.02 25.17 -10.06
C TRP A 36 -0.85 24.50 -10.80
N ASN A 37 0.37 24.91 -10.47
CA ASN A 37 1.55 24.26 -11.02
C ASN A 37 1.70 22.85 -10.48
N HIS A 38 1.46 22.71 -9.17
CA HIS A 38 1.32 21.41 -8.54
C HIS A 38 -0.10 20.93 -8.79
N PRO A 39 -0.31 19.61 -8.78
CA PRO A 39 -1.69 19.13 -8.95
C PRO A 39 -2.59 19.59 -7.80
N GLN A 40 -3.84 19.91 -8.10
CA GLN A 40 -4.84 19.96 -7.05
C GLN A 40 -5.45 18.57 -6.87
N ALA A 41 -6.06 18.32 -5.73
CA ALA A 41 -6.80 17.07 -5.51
C ALA A 41 -8.15 17.33 -4.85
N HIS A 42 -9.17 16.66 -5.33
CA HIS A 42 -10.45 16.63 -4.62
C HIS A 42 -10.81 15.17 -4.33
N ILE A 43 -11.08 14.85 -3.07
CA ILE A 43 -11.34 13.46 -2.67
C ILE A 43 -12.68 13.34 -1.98
N GLN A 44 -13.17 12.11 -1.87
CA GLN A 44 -14.35 11.83 -1.08
C GLN A 44 -14.08 10.64 -0.19
N LEU A 45 -14.38 10.81 1.09
CA LEU A 45 -14.13 9.81 2.09
C LEU A 45 -15.47 9.37 2.66
N TRP A 46 -15.66 8.07 2.81
CA TRP A 46 -16.86 7.57 3.48
C TRP A 46 -16.46 7.04 4.84
N TRP A 47 -17.31 7.29 5.83
CA TRP A 47 -17.07 6.86 7.20
C TRP A 47 -18.24 6.02 7.72
N ASP A 48 -17.97 4.75 7.97
CA ASP A 48 -18.88 3.87 8.68
C ASP A 48 -18.58 4.13 10.15
N LYS A 49 -19.43 4.89 10.83
CA LYS A 49 -19.19 5.19 12.25
C LYS A 49 -19.44 4.02 13.19
N ASP A 50 -20.29 3.08 12.75
CA ASP A 50 -20.60 1.88 13.54
C ASP A 50 -19.39 0.94 13.64
N ALA A 51 -18.82 0.57 12.51
CA ALA A 51 -17.61 -0.25 12.49
C ALA A 51 -16.35 0.63 12.69
N ASP A 52 -16.51 1.94 12.51
CA ASP A 52 -15.42 2.91 12.58
C ASP A 52 -14.37 2.58 11.52
N VAL A 53 -14.83 2.50 10.26
CA VAL A 53 -13.99 2.19 9.12
C VAL A 53 -14.12 3.31 8.09
N PHE A 54 -13.00 3.70 7.48
CA PHE A 54 -12.97 4.76 6.48
C PHE A 54 -12.72 4.20 5.09
N TYR A 55 -13.42 4.74 4.09
CA TYR A 55 -13.23 4.33 2.70
C TYR A 55 -12.94 5.57 1.86
N LEU A 56 -11.76 5.60 1.24
CA LEU A 56 -11.46 6.64 0.29
C LEU A 56 -12.13 6.21 -1.01
N ALA A 57 -13.28 6.83 -1.32
CA ALA A 57 -14.14 6.33 -2.39
C ALA A 57 -13.99 7.05 -3.74
N ARG A 58 -13.59 8.32 -3.73
CA ARG A 58 -13.41 9.07 -4.97
C ARG A 58 -12.14 9.90 -4.88
N VAL A 59 -11.39 9.95 -5.98
CA VAL A 59 -10.16 10.74 -6.08
C VAL A 59 -10.04 11.38 -7.45
N TRP A 60 -9.75 12.67 -7.47
CA TRP A 60 -9.47 13.39 -8.70
C TRP A 60 -8.24 14.26 -8.48
N LYS A 61 -7.27 14.15 -9.38
CA LYS A 61 -6.02 14.88 -9.24
C LYS A 61 -5.61 15.45 -10.60
N LYS A 62 -5.33 16.76 -10.64
CA LYS A 62 -5.00 17.40 -11.91
C LYS A 62 -4.27 18.73 -11.77
N SER A 63 -3.26 18.93 -12.60
CA SER A 63 -2.51 20.19 -12.68
C SER A 63 -3.24 21.20 -13.57
N GLU A 64 -3.01 22.48 -13.28
CA GLU A 64 -3.46 23.57 -14.13
C GLU A 64 -4.95 23.53 -14.48
N ASN A 65 -5.77 23.30 -13.45
CA ASN A 65 -7.22 23.42 -13.58
C ASN A 65 -7.77 24.48 -12.62
N THR A 66 -8.73 25.25 -13.10
CA THR A 66 -9.39 26.23 -12.26
C THR A 66 -10.40 25.54 -11.36
N ALA A 67 -11.01 26.29 -10.45
CA ALA A 67 -12.05 25.75 -9.59
C ALA A 67 -13.29 25.36 -10.40
N VAL A 68 -13.60 26.14 -11.44
CA VAL A 68 -14.72 25.85 -12.35
C VAL A 68 -14.50 24.52 -13.08
N GLN A 69 -13.25 24.26 -13.48
CA GLN A 69 -12.92 22.99 -14.12
C GLN A 69 -12.96 21.83 -13.13
N ALA A 70 -12.50 22.07 -11.89
CA ALA A 70 -12.55 21.03 -10.87
C ALA A 70 -14.01 20.62 -10.63
N TRP A 71 -14.87 21.61 -10.44
CA TRP A 71 -16.30 21.36 -10.24
C TRP A 71 -16.93 20.60 -11.40
N GLY A 72 -16.58 20.94 -12.62
CA GLY A 72 -17.06 20.19 -13.77
C GLY A 72 -16.60 18.75 -13.79
N ALA A 73 -15.42 18.49 -13.24
CA ALA A 73 -14.85 17.15 -13.24
C ALA A 73 -15.37 16.23 -12.12
N VAL A 74 -15.85 16.82 -11.02
CA VAL A 74 -16.21 16.00 -9.85
C VAL A 74 -17.62 16.24 -9.31
N LYS A 75 -18.37 17.18 -9.88
CA LYS A 75 -19.65 17.57 -9.29
C LYS A 75 -20.66 16.43 -9.18
N SER A 76 -20.52 15.41 -10.04
CA SER A 76 -21.42 14.26 -10.00
C SER A 76 -21.40 13.57 -8.64
N TRP A 77 -20.21 13.49 -8.02
CA TRP A 77 -20.10 12.93 -6.66
C TRP A 77 -19.87 13.97 -5.55
N ALA A 78 -19.33 15.14 -5.93
CA ALA A 78 -19.00 16.17 -4.94
C ALA A 78 -20.18 17.05 -4.55
N ASN A 79 -21.26 17.01 -5.34
CA ASN A 79 -22.41 17.88 -5.13
C ASN A 79 -23.02 17.77 -3.72
N LYS A 80 -23.11 18.91 -3.05
CA LYS A 80 -23.72 19.04 -1.71
C LYS A 80 -22.90 18.43 -0.56
N ILE A 81 -21.73 17.88 -0.86
CA ILE A 81 -20.88 17.28 0.18
C ILE A 81 -19.95 18.33 0.79
N PRO A 82 -19.92 18.44 2.13
CA PRO A 82 -19.04 19.43 2.78
C PRO A 82 -17.59 19.18 2.39
N VAL A 83 -16.82 20.24 2.18
CA VAL A 83 -15.43 20.11 1.73
C VAL A 83 -14.44 20.66 2.73
N ALA A 84 -13.50 19.83 3.16
CA ALA A 84 -12.40 20.27 4.03
C ALA A 84 -11.28 20.82 3.15
N TRP A 85 -10.54 21.80 3.65
CA TRP A 85 -9.51 22.45 2.85
C TRP A 85 -8.44 23.09 3.76
N PRO A 86 -7.21 23.25 3.23
CA PRO A 86 -6.07 23.67 4.05
C PRO A 86 -5.85 25.18 4.09
N HIS A 87 -4.76 25.56 4.75
CA HIS A 87 -4.12 26.86 4.59
C HIS A 87 -4.64 27.91 5.54
N ASP A 88 -4.03 27.98 6.72
CA ASP A 88 -4.27 29.11 7.60
C ASP A 88 -3.41 30.34 7.24
N GLY A 89 -3.45 30.73 5.96
CA GLY A 89 -2.80 31.95 5.51
C GLY A 89 -1.55 31.78 4.66
N HIS A 90 -0.41 31.78 5.35
CA HIS A 90 0.91 32.00 4.74
C HIS A 90 1.39 31.03 3.64
N GLN A 91 1.64 31.61 2.46
CA GLN A 91 2.41 30.97 1.39
C GLN A 91 2.99 32.10 0.52
N HIS A 92 3.89 32.87 1.12
CA HIS A 92 4.40 34.13 0.54
C HIS A 92 3.29 35.16 0.31
N GLU A 93 2.31 35.15 1.21
CA GLU A 93 1.22 36.12 1.28
C GLU A 93 0.18 36.03 0.15
N LYS A 94 -0.64 37.07 0.04
CA LYS A 94 -1.75 37.13 -0.90
C LYS A 94 -2.81 36.05 -0.60
N GLY A 95 -3.78 35.90 -1.50
CA GLY A 95 -4.89 35.00 -1.27
C GLY A 95 -4.55 33.53 -1.19
N GLY A 96 -4.34 33.03 0.03
CA GLY A 96 -4.03 31.63 0.26
C GLY A 96 -5.29 30.80 0.42
N GLY A 97 -5.46 30.21 1.60
CA GLY A 97 -6.58 29.34 1.86
C GLY A 97 -7.95 29.93 1.68
N GLU A 98 -8.22 31.05 2.37
CA GLU A 98 -9.57 31.64 2.42
C GLU A 98 -10.05 32.27 1.11
N GLN A 99 -9.12 32.83 0.33
CA GLN A 99 -9.49 33.41 -0.96
C GLN A 99 -9.71 32.33 -2.01
N LEU A 100 -8.93 31.26 -1.94
CA LEU A 100 -9.09 30.11 -2.83
C LEU A 100 -10.39 29.36 -2.52
N LYS A 101 -10.70 29.23 -1.24
CA LYS A 101 -11.93 28.57 -0.81
C LYS A 101 -13.16 29.30 -1.38
N THR A 102 -13.05 30.63 -1.49
CA THR A 102 -14.11 31.48 -2.04
C THR A 102 -14.35 31.16 -3.51
N GLN A 103 -13.27 31.02 -4.27
CA GLN A 103 -13.35 30.69 -5.68
C GLN A 103 -13.99 29.33 -5.88
N TYR A 104 -13.73 28.41 -4.95
CA TYR A 104 -14.27 27.05 -5.02
C TYR A 104 -15.75 27.01 -4.61
N ALA A 105 -16.09 27.79 -3.59
CA ALA A 105 -17.48 27.93 -3.17
C ALA A 105 -18.30 28.53 -4.30
N ASP A 106 -17.73 29.54 -4.96
CA ASP A 106 -18.43 30.24 -6.05
C ASP A 106 -18.62 29.30 -7.23
N ALA A 107 -17.70 28.34 -7.35
CA ALA A 107 -17.75 27.34 -8.42
C ALA A 107 -18.81 26.26 -8.14
N GLY A 108 -19.27 26.17 -6.90
CA GLY A 108 -20.35 25.28 -6.57
C GLY A 108 -20.08 24.31 -5.43
N PHE A 109 -18.83 24.24 -4.99
CA PHE A 109 -18.49 23.33 -3.91
C PHE A 109 -19.05 23.81 -2.57
N SER A 110 -19.48 22.86 -1.74
CA SER A 110 -19.92 23.18 -0.38
C SER A 110 -18.73 23.25 0.58
N MET A 111 -17.95 24.30 0.42
CA MET A 111 -16.74 24.50 1.20
C MET A 111 -17.09 24.77 2.66
N LEU A 112 -16.44 24.06 3.58
CA LEU A 112 -16.63 24.28 5.02
C LEU A 112 -16.12 25.68 5.42
N PRO A 113 -16.74 26.29 6.43
CA PRO A 113 -16.40 27.67 6.82
C PRO A 113 -14.96 27.88 7.24
N ASP A 114 -14.37 26.89 7.91
CA ASP A 114 -13.01 27.01 8.45
C ASP A 114 -12.03 25.97 7.88
N HIS A 115 -10.74 26.29 7.91
CA HIS A 115 -9.70 25.39 7.40
C HIS A 115 -9.63 24.11 8.21
N ALA A 116 -8.99 23.08 7.64
CA ALA A 116 -9.03 21.76 8.25
C ALA A 116 -8.23 21.73 9.54
N THR A 117 -8.91 21.40 10.62
CA THR A 117 -8.25 21.17 11.90
C THR A 117 -8.77 19.90 12.59
N PHE A 118 -7.97 19.36 13.51
CA PHE A 118 -8.45 18.37 14.44
C PHE A 118 -9.41 19.09 15.38
N PRO A 119 -10.13 18.35 16.21
CA PRO A 119 -11.12 18.94 17.11
C PRO A 119 -10.52 20.02 18.02
N ASP A 120 -9.26 19.86 18.40
CA ASP A 120 -8.62 20.79 19.34
C ASP A 120 -8.00 22.01 18.66
N GLY A 121 -8.20 22.16 17.37
CA GLY A 121 -7.67 23.30 16.64
C GLY A 121 -6.31 23.05 16.00
N GLY A 122 -5.71 21.91 16.30
CA GLY A 122 -4.40 21.57 15.76
C GLY A 122 -4.49 21.14 14.31
N ASN A 123 -3.34 21.08 13.64
CA ASN A 123 -3.32 20.62 12.25
C ASN A 123 -2.04 19.83 11.91
N SER A 124 -1.40 19.27 12.93
CA SER A 124 -0.21 18.44 12.75
C SER A 124 -0.30 17.39 11.64
N VAL A 125 0.59 17.47 10.66
CA VAL A 125 0.68 16.42 9.64
C VAL A 125 1.13 15.10 10.27
N GLU A 126 2.16 15.17 11.12
CA GLU A 126 2.66 13.99 11.83
C GLU A 126 1.54 13.25 12.56
N SER A 127 0.70 14.00 13.26
CA SER A 127 -0.40 13.40 14.00
C SER A 127 -1.40 12.69 13.08
N GLY A 128 -1.74 13.33 11.97
CA GLY A 128 -2.60 12.73 10.97
C GLY A 128 -2.04 11.46 10.36
N ILE A 129 -0.74 11.47 10.07
CA ILE A 129 -0.10 10.31 9.47
C ILE A 129 -0.09 9.13 10.43
N SER A 130 0.18 9.40 11.71
CA SER A 130 0.19 8.35 12.72
C SER A 130 -1.18 7.70 12.86
N GLU A 131 -2.21 8.54 12.89
CA GLU A 131 -3.56 8.04 13.06
C GLU A 131 -4.00 7.26 11.85
N LEU A 132 -3.71 7.78 10.65
CA LEU A 132 -4.02 7.07 9.42
C LEU A 132 -3.30 5.71 9.32
N ARG A 133 -2.04 5.64 9.76
CA ARG A 133 -1.30 4.38 9.69
C ARG A 133 -1.91 3.34 10.63
N ASP A 134 -2.32 3.78 11.83
CA ASP A 134 -2.98 2.90 12.79
C ASP A 134 -4.22 2.30 12.17
N LEU A 135 -5.03 3.15 11.53
CA LEU A 135 -6.27 2.72 10.89
C LEU A 135 -5.97 1.70 9.79
N MET A 136 -4.96 1.96 8.99
CA MET A 136 -4.53 1.01 7.95
C MET A 136 -4.17 -0.35 8.53
N LEU A 137 -3.38 -0.34 9.60
CA LEU A 137 -2.90 -1.55 10.23
C LEU A 137 -4.03 -2.35 10.89
N GLU A 138 -5.00 -1.64 11.43
CA GLU A 138 -6.15 -2.27 12.09
C GLU A 138 -7.21 -2.72 11.10
N GLY A 139 -6.99 -2.46 9.82
CA GLY A 139 -7.96 -2.82 8.79
C GLY A 139 -9.15 -1.85 8.71
N ARG A 140 -8.95 -0.62 9.18
CA ARG A 140 -10.05 0.35 9.26
C ARG A 140 -9.88 1.54 8.34
N PHE A 141 -8.97 1.43 7.38
CA PHE A 141 -8.82 2.43 6.34
C PHE A 141 -8.66 1.69 5.03
N LYS A 142 -9.63 1.89 4.14
CA LYS A 142 -9.63 1.24 2.84
C LYS A 142 -9.66 2.28 1.72
N VAL A 143 -9.05 1.93 0.58
CA VAL A 143 -9.09 2.76 -0.62
C VAL A 143 -9.69 1.95 -1.77
N PHE A 144 -10.70 2.48 -2.45
CA PHE A 144 -11.27 1.82 -3.62
C PHE A 144 -10.17 1.58 -4.64
N ASN A 145 -10.17 0.41 -5.29
CA ASN A 145 -9.14 0.12 -6.27
C ASN A 145 -9.18 1.01 -7.52
N THR A 146 -10.23 1.81 -7.63
CA THR A 146 -10.38 2.75 -8.73
C THR A 146 -9.76 4.13 -8.42
N CYS A 147 -9.16 4.26 -7.24
CA CYS A 147 -8.54 5.52 -6.81
C CYS A 147 -7.04 5.44 -6.96
N GLU A 148 -6.58 5.10 -8.16
CA GLU A 148 -5.15 4.92 -8.42
C GLU A 148 -4.21 6.08 -8.04
N PRO A 149 -4.62 7.35 -8.22
CA PRO A 149 -3.72 8.43 -7.78
C PRO A 149 -3.36 8.38 -6.30
N PHE A 150 -4.19 7.78 -5.45
CA PHE A 150 -3.81 7.59 -4.06
C PHE A 150 -2.62 6.65 -3.94
N PHE A 151 -2.69 5.52 -4.64
CA PHE A 151 -1.65 4.50 -4.51
C PHE A 151 -0.32 4.96 -5.10
N GLU A 152 -0.39 5.76 -6.17
CA GLU A 152 0.81 6.35 -6.75
C GLU A 152 1.58 7.19 -5.74
N GLU A 153 0.86 7.95 -4.92
CA GLU A 153 1.48 8.77 -3.88
C GLU A 153 1.90 7.95 -2.66
N PHE A 154 1.02 7.04 -2.26
CA PHE A 154 1.24 6.11 -1.16
C PHE A 154 2.58 5.38 -1.32
N ARG A 155 2.87 4.98 -2.56
CA ARG A 155 4.10 4.26 -2.88
C ARG A 155 5.38 5.07 -2.74
N LEU A 156 5.27 6.39 -2.95
CA LEU A 156 6.41 7.30 -2.96
C LEU A 156 6.60 8.11 -1.67
N TYR A 157 5.61 8.11 -0.79
CA TYR A 157 5.62 8.93 0.42
C TYR A 157 6.71 8.46 1.39
N HIS A 158 7.67 9.32 1.68
CA HIS A 158 8.84 8.92 2.47
C HIS A 158 9.41 10.06 3.32
N ARG A 159 10.37 9.73 4.17
CA ARG A 159 11.07 10.72 4.97
C ARG A 159 12.48 10.94 4.42
N ASP A 160 13.02 12.14 4.61
CA ASP A 160 14.37 12.42 4.15
C ASP A 160 15.40 11.76 5.05
N GLU A 161 16.67 12.08 4.82
CA GLU A 161 17.75 11.45 5.55
C GLU A 161 17.73 11.76 7.05
N ASN A 162 17.03 12.83 7.46
CA ASN A 162 16.99 13.23 8.86
C ASN A 162 15.67 12.92 9.56
N GLY A 163 14.73 12.37 8.81
CA GLY A 163 13.49 11.89 9.39
C GLY A 163 12.28 12.78 9.16
N LYS A 164 12.43 13.81 8.33
CA LYS A 164 11.32 14.72 8.03
C LYS A 164 10.55 14.23 6.82
N ILE A 165 9.22 14.36 6.86
CA ILE A 165 8.37 14.06 5.71
C ILE A 165 8.88 14.84 4.50
N VAL A 166 9.02 14.16 3.38
CA VAL A 166 9.34 14.84 2.12
C VAL A 166 8.01 15.19 1.47
N LYS A 167 7.71 16.47 1.40
CA LYS A 167 6.40 16.93 0.96
C LYS A 167 6.29 17.15 -0.54
N THR A 168 6.31 16.04 -1.29
CA THR A 168 6.09 16.01 -2.74
C THR A 168 5.17 14.83 -3.05
N ASN A 169 4.53 14.87 -4.22
CA ASN A 169 3.57 13.84 -4.64
C ASN A 169 2.63 13.48 -3.52
N ASP A 170 2.03 14.49 -2.89
CA ASP A 170 1.26 14.26 -1.68
C ASP A 170 -0.05 15.05 -1.63
N ASP A 171 -0.57 15.41 -2.79
CA ASP A 171 -1.81 16.18 -2.88
C ASP A 171 -3.07 15.38 -2.48
N VAL A 172 -3.22 14.18 -3.04
CA VAL A 172 -4.28 13.25 -2.62
C VAL A 172 -4.13 12.85 -1.15
N LEU A 173 -2.89 12.63 -0.71
CA LEU A 173 -2.61 12.27 0.68
C LEU A 173 -3.02 13.41 1.61
N ASP A 174 -2.64 14.64 1.27
CA ASP A 174 -3.02 15.79 2.07
C ASP A 174 -4.53 15.95 2.16
N ALA A 175 -5.19 15.94 1.00
CA ALA A 175 -6.65 16.01 0.93
C ALA A 175 -7.31 14.92 1.80
N THR A 176 -6.84 13.68 1.66
CA THR A 176 -7.38 12.59 2.45
C THR A 176 -7.25 12.89 3.93
N ARG A 177 -6.08 13.38 4.32
CA ARG A 177 -5.80 13.72 5.70
C ARG A 177 -6.74 14.83 6.19
N TYR A 178 -6.99 15.83 5.33
CA TYR A 178 -7.92 16.93 5.68
C TYR A 178 -9.36 16.46 5.90
N GLY A 179 -9.81 15.53 5.06
CA GLY A 179 -11.15 14.98 5.19
C GLY A 179 -11.27 14.19 6.48
N TYR A 180 -10.24 13.41 6.78
CA TYR A 180 -10.18 12.65 8.02
C TYR A 180 -10.20 13.58 9.26
N MET A 181 -9.40 14.64 9.23
CA MET A 181 -9.33 15.58 10.34
C MET A 181 -10.67 16.21 10.63
N MET A 182 -11.39 16.51 9.55
CA MET A 182 -12.67 17.22 9.66
C MET A 182 -13.88 16.28 9.63
N ARG A 183 -13.67 15.01 9.93
CA ARG A 183 -14.72 14.00 9.83
C ARG A 183 -15.95 14.31 10.70
N ARG A 184 -15.79 15.20 11.69
CA ARG A 184 -16.94 15.59 12.53
C ARG A 184 -17.99 16.37 11.73
N PHE A 185 -17.58 16.85 10.54
CA PHE A 185 -18.47 17.58 9.65
C PHE A 185 -19.05 16.72 8.53
N ALA A 186 -18.62 15.47 8.44
CA ALA A 186 -19.16 14.51 7.48
C ALA A 186 -20.66 14.36 7.69
N ARG A 187 -21.41 14.29 6.60
CA ARG A 187 -22.86 14.20 6.68
C ARG A 187 -23.36 12.80 6.32
N MET A 188 -24.40 12.34 7.02
CA MET A 188 -24.95 11.01 6.76
C MET A 188 -25.53 10.92 5.36
N MET A 189 -25.18 9.86 4.65
CA MET A 189 -25.59 9.67 3.26
C MET A 189 -27.08 9.89 3.02
N ARG A 190 -27.94 9.33 3.88
CA ARG A 190 -29.37 9.50 3.69
C ARG A 190 -29.92 10.90 3.93
N ASP A 191 -29.18 11.70 4.69
CA ASP A 191 -29.59 13.09 4.95
C ASP A 191 -29.08 14.03 3.84
N ILE A 192 -28.10 13.57 3.05
CA ILE A 192 -27.56 14.38 1.96
C ILE A 192 -28.69 14.77 1.04
N ARG A 193 -29.08 13.82 0.19
CA ARG A 193 -30.30 13.91 -0.60
C ARG A 193 -30.44 12.50 -1.15
N LYS A 194 -31.37 11.75 -0.57
CA LYS A 194 -31.50 10.33 -0.84
C LYS A 194 -32.84 9.80 -0.36
N THR B 1 3.85 -30.73 -15.64
CA THR B 1 4.81 -30.09 -16.55
C THR B 1 4.17 -28.96 -17.37
N MET B 2 2.99 -29.24 -17.92
CA MET B 2 2.13 -28.19 -18.48
C MET B 2 0.99 -27.92 -17.52
N GLY B 3 1.21 -28.25 -16.25
CA GLY B 3 0.24 -28.02 -15.19
C GLY B 3 -1.11 -28.68 -15.43
N SER B 4 -2.17 -27.89 -15.26
CA SER B 4 -3.53 -28.34 -15.55
C SER B 4 -3.91 -28.11 -17.02
N GLY B 5 -2.95 -27.65 -17.81
CA GLY B 5 -3.13 -27.54 -19.25
C GLY B 5 -2.71 -26.21 -19.84
N ARG B 6 -2.52 -26.21 -21.16
CA ARG B 6 -2.13 -25.02 -21.88
C ARG B 6 -3.25 -23.99 -21.89
N ILE B 7 -2.85 -22.72 -21.83
CA ILE B 7 -3.78 -21.60 -21.80
C ILE B 7 -4.41 -21.36 -23.19
N PHE B 8 -3.57 -21.40 -24.23
CA PHE B 8 -4.05 -21.26 -25.60
C PHE B 8 -4.04 -22.61 -26.33
N GLN B 9 -5.14 -23.35 -26.25
CA GLN B 9 -5.23 -24.65 -26.91
C GLN B 9 -5.74 -24.45 -28.34
N ILE B 10 -4.88 -23.83 -29.14
CA ILE B 10 -5.21 -23.41 -30.49
C ILE B 10 -4.02 -23.75 -31.37
N PRO B 11 -4.27 -24.35 -32.54
CA PRO B 11 -3.17 -24.71 -33.45
C PRO B 11 -2.40 -23.47 -33.90
N GLU B 12 -1.08 -23.48 -33.72
CA GLU B 12 -0.22 -22.35 -34.07
C GLU B 12 -0.47 -21.88 -35.48
N GLU B 13 -0.72 -22.82 -36.37
CA GLU B 13 -0.86 -22.48 -37.78
C GLU B 13 -2.11 -21.64 -38.06
N THR B 14 -3.12 -21.77 -37.21
CA THR B 14 -4.31 -20.95 -37.35
C THR B 14 -4.02 -19.47 -37.08
N ILE B 15 -3.04 -19.17 -36.22
CA ILE B 15 -2.76 -17.77 -35.89
C ILE B 15 -1.50 -17.21 -36.60
N LYS B 16 -0.73 -18.08 -37.23
CA LYS B 16 0.45 -17.68 -37.97
C LYS B 16 0.09 -17.11 -39.37
N CYS B 17 0.83 -16.08 -39.81
CA CYS B 17 0.59 -15.50 -41.13
C CYS B 17 1.88 -15.05 -41.80
N GLN B 18 1.85 -14.93 -43.13
CA GLN B 18 2.97 -14.38 -43.90
C GLN B 18 3.10 -12.89 -43.65
N PRO B 19 4.34 -12.40 -43.46
CA PRO B 19 4.58 -10.97 -43.33
C PRO B 19 4.13 -10.19 -44.56
N PHE B 20 3.75 -8.94 -44.35
CA PHE B 20 3.32 -8.06 -45.41
C PHE B 20 3.68 -6.65 -44.96
N GLU B 21 3.59 -5.69 -45.87
CA GLU B 21 3.84 -4.29 -45.51
C GLU B 21 2.59 -3.64 -44.94
N CYS B 22 2.77 -2.82 -43.91
CA CYS B 22 1.64 -2.21 -43.24
C CYS B 22 0.90 -1.23 -44.15
N PRO B 23 -0.38 -1.50 -44.41
CA PRO B 23 -1.20 -0.53 -45.15
C PRO B 23 -1.32 0.80 -44.41
N ASP B 24 -1.47 1.89 -45.16
CA ASP B 24 -1.57 3.24 -44.60
C ASP B 24 -2.64 3.39 -43.54
N HIS B 25 -3.71 2.62 -43.68
CA HIS B 25 -4.88 2.81 -42.82
C HIS B 25 -4.88 1.88 -41.59
N PHE B 26 -3.85 1.05 -41.44
CA PHE B 26 -3.73 0.22 -40.24
C PHE B 26 -3.19 1.08 -39.11
N TYR B 27 -3.52 0.70 -37.89
CA TYR B 27 -2.98 1.40 -36.72
C TYR B 27 -1.79 0.63 -36.14
N VAL B 28 -0.86 1.36 -35.53
CA VAL B 28 0.39 0.77 -35.05
C VAL B 28 0.66 1.15 -33.59
N ILE B 29 1.02 0.16 -32.79
CA ILE B 29 1.43 0.42 -31.42
C ILE B 29 2.55 -0.53 -31.02
N ASP B 30 3.46 -0.05 -30.18
CA ASP B 30 4.53 -0.88 -29.63
C ASP B 30 4.26 -1.16 -28.16
N ALA B 31 4.93 -2.16 -27.63
CA ALA B 31 4.83 -2.42 -26.20
C ALA B 31 6.14 -2.98 -25.66
N GLN B 32 6.34 -2.78 -24.36
CA GLN B 32 7.59 -3.17 -23.69
C GLN B 32 7.30 -4.00 -22.45
N ASP B 33 8.04 -5.10 -22.27
CA ASP B 33 8.11 -5.76 -20.97
C ASP B 33 9.53 -5.57 -20.48
N PHE B 34 9.68 -5.02 -19.27
CA PHE B 34 11.00 -4.76 -18.75
C PHE B 34 11.64 -6.05 -18.21
N GLY B 35 12.96 -6.12 -18.24
CA GLY B 35 13.67 -7.28 -17.73
C GLY B 35 15.18 -7.21 -17.90
N TRP B 36 15.91 -7.58 -16.85
CA TRP B 36 17.36 -7.70 -16.95
C TRP B 36 17.82 -9.17 -16.88
N ASN B 37 17.61 -9.79 -15.72
CA ASN B 37 17.88 -11.21 -15.56
C ASN B 37 16.91 -12.03 -16.39
N HIS B 38 15.63 -11.64 -16.32
CA HIS B 38 14.62 -12.17 -17.23
C HIS B 38 14.73 -11.41 -18.55
N PRO B 39 14.30 -12.04 -19.65
CA PRO B 39 14.35 -11.30 -20.92
C PRO B 39 13.42 -10.10 -20.91
N GLN B 40 13.85 -9.01 -21.54
CA GLN B 40 12.91 -7.94 -21.87
C GLN B 40 12.30 -8.28 -23.23
N ALA B 41 11.16 -7.69 -23.54
CA ALA B 41 10.56 -7.82 -24.87
C ALA B 41 10.06 -6.48 -25.38
N HIS B 42 10.33 -6.19 -26.64
CA HIS B 42 9.68 -5.07 -27.32
C HIS B 42 8.94 -5.61 -28.54
N ILE B 43 7.65 -5.31 -28.64
CA ILE B 43 6.82 -5.83 -29.73
C ILE B 43 6.18 -4.72 -30.52
N GLN B 44 5.71 -5.03 -31.72
CA GLN B 44 4.87 -4.12 -32.48
C GLN B 44 3.60 -4.82 -32.96
N LEU B 45 2.48 -4.16 -32.74
CA LEU B 45 1.19 -4.75 -33.06
C LEU B 45 0.54 -3.85 -34.09
N TRP B 46 -0.01 -4.44 -35.15
CA TRP B 46 -0.80 -3.67 -36.12
C TRP B 46 -2.26 -3.99 -35.93
N TRP B 47 -3.11 -2.98 -36.10
CA TRP B 47 -4.53 -3.14 -35.91
C TRP B 47 -5.27 -2.61 -37.13
N ASP B 48 -5.90 -3.54 -37.83
CA ASP B 48 -6.84 -3.19 -38.89
C ASP B 48 -8.18 -2.94 -38.20
N LYS B 49 -8.55 -1.67 -37.99
CA LYS B 49 -9.81 -1.37 -37.28
C LYS B 49 -11.06 -1.69 -38.09
N ASP B 50 -10.93 -1.69 -39.41
CA ASP B 50 -12.05 -1.97 -40.30
C ASP B 50 -12.50 -3.41 -40.19
N ALA B 51 -11.55 -4.35 -40.33
CA ALA B 51 -11.86 -5.76 -40.18
C ALA B 51 -11.79 -6.16 -38.70
N ASP B 52 -11.16 -5.31 -37.89
CA ASP B 52 -10.94 -5.54 -36.46
C ASP B 52 -10.05 -6.79 -36.27
N VAL B 53 -8.90 -6.78 -36.94
CA VAL B 53 -7.94 -7.87 -36.88
C VAL B 53 -6.59 -7.33 -36.40
N PHE B 54 -5.91 -8.08 -35.53
CA PHE B 54 -4.62 -7.70 -34.98
C PHE B 54 -3.49 -8.54 -35.57
N TYR B 55 -2.36 -7.90 -35.84
CA TYR B 55 -1.17 -8.57 -36.37
C TYR B 55 0.03 -8.28 -35.50
N LEU B 56 0.59 -9.31 -34.87
CA LEU B 56 1.82 -9.13 -34.13
C LEU B 56 2.94 -9.15 -35.17
N ALA B 57 3.46 -7.97 -35.50
CA ALA B 57 4.31 -7.81 -36.68
C ALA B 57 5.81 -7.80 -36.38
N ARG B 58 6.19 -7.40 -35.18
CA ARG B 58 7.60 -7.34 -34.81
C ARG B 58 7.78 -7.81 -33.36
N VAL B 59 8.81 -8.61 -33.14
CA VAL B 59 9.14 -9.12 -31.81
C VAL B 59 10.65 -9.11 -31.59
N TRP B 60 11.07 -8.59 -30.44
CA TRP B 60 12.47 -8.65 -30.03
C TRP B 60 12.51 -9.01 -28.56
N LYS B 61 13.28 -10.05 -28.23
CA LYS B 61 13.36 -10.55 -26.87
C LYS B 61 14.81 -10.83 -26.50
N LYS B 62 15.28 -10.27 -25.39
CA LYS B 62 16.67 -10.43 -25.00
C LYS B 62 16.95 -10.19 -23.52
N SER B 63 17.78 -11.05 -22.94
CA SER B 63 18.24 -10.88 -21.55
C SER B 63 19.42 -9.93 -21.47
N GLU B 64 19.55 -9.27 -20.32
CA GLU B 64 20.71 -8.46 -20.00
C GLU B 64 21.07 -7.41 -21.06
N ASN B 65 20.05 -6.69 -21.51
CA ASN B 65 20.26 -5.54 -22.38
C ASN B 65 19.72 -4.27 -21.72
N THR B 66 20.43 -3.17 -21.91
CA THR B 66 19.98 -1.88 -21.39
C THR B 66 18.93 -1.31 -22.34
N ALA B 67 18.35 -0.18 -21.96
CA ALA B 67 17.38 0.51 -22.81
C ALA B 67 18.04 1.04 -24.07
N VAL B 68 19.28 1.47 -23.93
CA VAL B 68 20.09 1.97 -25.05
C VAL B 68 20.35 0.85 -26.07
N GLN B 69 20.58 -0.38 -25.59
CA GLN B 69 20.77 -1.54 -26.46
C GLN B 69 19.46 -1.97 -27.10
N ALA B 70 18.37 -1.93 -26.34
CA ALA B 70 17.05 -2.25 -26.89
C ALA B 70 16.74 -1.32 -28.06
N TRP B 71 16.93 -0.01 -27.84
CA TRP B 71 16.68 1.01 -28.86
C TRP B 71 17.51 0.75 -30.13
N GLY B 72 18.79 0.43 -29.96
CA GLY B 72 19.64 0.10 -31.08
C GLY B 72 19.16 -1.13 -31.84
N ALA B 73 18.52 -2.06 -31.15
CA ALA B 73 18.08 -3.31 -31.78
C ALA B 73 16.74 -3.22 -32.49
N VAL B 74 15.89 -2.27 -32.10
CA VAL B 74 14.55 -2.19 -32.67
C VAL B 74 14.16 -0.83 -33.27
N LYS B 75 15.03 0.17 -33.19
CA LYS B 75 14.63 1.53 -33.58
C LYS B 75 14.17 1.65 -35.04
N SER B 76 14.65 0.76 -35.89
CA SER B 76 14.25 0.76 -37.29
C SER B 76 12.74 0.66 -37.45
N TRP B 77 12.09 -0.15 -36.61
CA TRP B 77 10.64 -0.27 -36.65
C TRP B 77 9.93 0.45 -35.50
N ALA B 78 10.63 0.62 -34.38
CA ALA B 78 10.03 1.19 -33.17
C ALA B 78 9.99 2.72 -33.15
N ASN B 79 10.73 3.35 -34.07
CA ASN B 79 10.86 4.80 -34.12
C ASN B 79 9.50 5.51 -34.27
N LYS B 80 9.24 6.41 -33.32
CA LYS B 80 8.03 7.26 -33.30
C LYS B 80 6.73 6.54 -32.95
N ILE B 81 6.80 5.24 -32.69
CA ILE B 81 5.60 4.46 -32.34
C ILE B 81 5.35 4.51 -30.83
N PRO B 82 4.10 4.85 -30.42
CA PRO B 82 3.79 4.91 -28.98
C PRO B 82 4.03 3.54 -28.32
N VAL B 83 4.56 3.54 -27.10
CA VAL B 83 4.91 2.30 -26.41
C VAL B 83 4.11 2.11 -25.13
N ALA B 84 3.40 0.98 -25.06
CA ALA B 84 2.72 0.55 -23.84
C ALA B 84 3.70 -0.18 -22.93
N TRP B 85 3.52 -0.05 -21.61
CA TRP B 85 4.46 -0.62 -20.66
C TRP B 85 3.78 -0.88 -19.31
N PRO B 86 4.27 -1.87 -18.56
CA PRO B 86 3.62 -2.31 -17.31
C PRO B 86 4.04 -1.56 -16.05
N HIS B 87 3.56 -2.04 -14.91
CA HIS B 87 4.13 -1.76 -13.60
C HIS B 87 3.57 -0.53 -12.92
N ASP B 88 2.46 -0.67 -12.21
CA ASP B 88 2.05 0.39 -11.32
C ASP B 88 2.77 0.35 -9.96
N GLY B 89 4.10 0.35 -9.98
CA GLY B 89 4.90 0.48 -8.79
C GLY B 89 5.60 -0.79 -8.32
N HIS B 90 4.93 -1.51 -7.44
CA HIS B 90 5.54 -2.53 -6.58
C HIS B 90 6.26 -3.74 -7.24
N GLN B 91 7.54 -3.85 -6.93
CA GLN B 91 8.33 -5.05 -7.17
C GLN B 91 9.50 -5.04 -6.18
N HIS B 92 9.19 -5.12 -4.89
CA HIS B 92 10.13 -4.91 -3.79
C HIS B 92 10.72 -3.49 -3.80
N GLU B 93 9.86 -2.56 -4.21
CA GLU B 93 10.14 -1.12 -4.18
C GLU B 93 11.21 -0.62 -5.17
N LYS B 94 11.68 0.60 -4.96
CA LYS B 94 12.61 1.30 -5.85
C LYS B 94 12.00 1.53 -7.24
N GLY B 95 12.83 1.98 -8.18
CA GLY B 95 12.34 2.36 -9.49
C GLY B 95 11.78 1.24 -10.35
N GLY B 96 10.47 1.05 -10.28
CA GLY B 96 9.80 0.02 -11.06
C GLY B 96 9.40 0.54 -12.42
N GLY B 97 8.09 0.60 -12.67
CA GLY B 97 7.58 1.01 -13.95
C GLY B 97 7.99 2.38 -14.45
N GLU B 98 7.70 3.41 -13.65
CA GLU B 98 7.88 4.81 -14.06
C GLU B 98 9.33 5.25 -14.21
N GLN B 99 10.22 4.68 -13.41
CA GLN B 99 11.65 4.99 -13.49
C GLN B 99 12.27 4.32 -14.71
N LEU B 100 11.85 3.07 -14.96
CA LEU B 100 12.33 2.32 -16.12
C LEU B 100 11.83 2.94 -17.42
N LYS B 101 10.58 3.40 -17.42
CA LYS B 101 10.00 4.06 -18.59
C LYS B 101 10.79 5.32 -18.95
N THR B 102 11.34 6.00 -17.93
CA THR B 102 12.16 7.18 -18.12
C THR B 102 13.45 6.85 -18.87
N GLN B 103 14.09 5.76 -18.45
CA GLN B 103 15.33 5.29 -19.09
C GLN B 103 15.09 4.94 -20.54
N TYR B 104 13.92 4.38 -20.82
CA TYR B 104 13.54 4.00 -22.18
C TYR B 104 13.16 5.20 -23.04
N ALA B 105 12.45 6.16 -22.46
CA ALA B 105 12.15 7.42 -23.13
C ALA B 105 13.43 8.17 -23.46
N ASP B 106 14.37 8.20 -22.52
CA ASP B 106 15.65 8.88 -22.72
C ASP B 106 16.46 8.19 -23.81
N ALA B 107 16.26 6.88 -23.95
CA ALA B 107 16.94 6.10 -24.98
C ALA B 107 16.36 6.34 -26.37
N GLY B 108 15.16 6.94 -26.43
CA GLY B 108 14.57 7.33 -27.69
C GLY B 108 13.17 6.81 -27.97
N PHE B 109 12.69 5.89 -27.13
CA PHE B 109 11.37 5.30 -27.35
C PHE B 109 10.27 6.31 -27.03
N SER B 110 9.19 6.27 -27.80
CA SER B 110 8.02 7.10 -27.53
C SER B 110 7.11 6.43 -26.50
N MET B 111 7.58 6.43 -25.27
CA MET B 111 6.88 5.78 -24.18
C MET B 111 5.60 6.54 -23.85
N LEU B 112 4.48 5.81 -23.72
CA LEU B 112 3.20 6.42 -23.34
C LEU B 112 3.25 6.96 -21.90
N PRO B 113 2.52 8.04 -21.61
CA PRO B 113 2.61 8.69 -20.31
C PRO B 113 2.22 7.81 -19.12
N ASP B 114 1.25 6.91 -19.32
CA ASP B 114 0.77 6.06 -18.23
C ASP B 114 0.92 4.57 -18.51
N HIS B 115 0.96 3.77 -17.44
CA HIS B 115 1.14 2.32 -17.56
C HIS B 115 -0.04 1.69 -18.28
N ALA B 116 0.14 0.46 -18.74
CA ALA B 116 -0.85 -0.19 -19.57
C ALA B 116 -2.11 -0.53 -18.80
N THR B 117 -3.25 -0.04 -19.27
CA THR B 117 -4.53 -0.36 -18.65
C THR B 117 -5.63 -0.44 -19.69
N PHE B 118 -6.69 -1.16 -19.36
CA PHE B 118 -7.89 -1.16 -20.18
C PHE B 118 -8.53 0.21 -20.05
N PRO B 119 -9.46 0.54 -20.92
CA PRO B 119 -10.12 1.85 -20.89
C PRO B 119 -10.62 2.20 -19.50
N ASP B 120 -11.07 1.20 -18.74
CA ASP B 120 -11.66 1.43 -17.42
C ASP B 120 -10.65 1.52 -16.28
N GLY B 121 -9.37 1.41 -16.61
CA GLY B 121 -8.32 1.58 -15.62
C GLY B 121 -7.82 0.25 -15.07
N GLY B 122 -8.50 -0.83 -15.46
CA GLY B 122 -8.13 -2.16 -15.02
C GLY B 122 -6.90 -2.68 -15.72
N ASN B 123 -6.30 -3.74 -15.19
CA ASN B 123 -5.14 -4.36 -15.84
C ASN B 123 -5.10 -5.89 -15.67
N SER B 124 -6.27 -6.48 -15.40
CA SER B 124 -6.40 -7.94 -15.30
C SER B 124 -5.70 -8.72 -16.43
N VAL B 125 -4.77 -9.58 -16.05
CA VAL B 125 -4.16 -10.52 -16.99
C VAL B 125 -5.20 -11.50 -17.51
N GLU B 126 -6.02 -12.03 -16.60
CA GLU B 126 -7.07 -12.98 -16.97
C GLU B 126 -8.00 -12.41 -18.05
N SER B 127 -8.40 -11.16 -17.87
CA SER B 127 -9.26 -10.50 -18.84
C SER B 127 -8.58 -10.37 -20.23
N GLY B 128 -7.29 -10.02 -20.24
CA GLY B 128 -6.54 -9.89 -21.47
C GLY B 128 -6.39 -11.22 -22.19
N ILE B 129 -6.15 -12.27 -21.42
CA ILE B 129 -5.99 -13.60 -21.98
C ILE B 129 -7.27 -14.09 -22.62
N SER B 130 -8.39 -13.87 -21.93
CA SER B 130 -9.70 -14.27 -22.47
C SER B 130 -10.02 -13.56 -23.78
N GLU B 131 -9.74 -12.26 -23.83
CA GLU B 131 -10.02 -11.47 -25.02
C GLU B 131 -9.12 -11.89 -26.18
N LEU B 132 -7.83 -12.06 -25.90
CA LEU B 132 -6.90 -12.54 -26.91
C LEU B 132 -7.28 -13.93 -27.44
N ARG B 133 -7.73 -14.84 -26.57
CA ARG B 133 -8.12 -16.16 -27.04
C ARG B 133 -9.32 -16.09 -27.96
N ASP B 134 -10.27 -15.23 -27.63
CA ASP B 134 -11.45 -15.05 -28.47
C ASP B 134 -11.03 -14.58 -29.85
N LEU B 135 -10.15 -13.57 -29.89
CA LEU B 135 -9.65 -13.06 -31.16
C LEU B 135 -8.98 -14.15 -31.97
N MET B 136 -8.17 -14.97 -31.30
CA MET B 136 -7.48 -16.09 -31.98
C MET B 136 -8.46 -17.07 -32.60
N LEU B 137 -9.50 -17.41 -31.84
CA LEU B 137 -10.52 -18.35 -32.30
C LEU B 137 -11.37 -17.81 -33.44
N GLU B 138 -11.62 -16.51 -33.42
CA GLU B 138 -12.41 -15.85 -34.46
C GLU B 138 -11.59 -15.51 -35.71
N GLY B 139 -10.30 -15.81 -35.67
CA GLY B 139 -9.44 -15.52 -36.79
C GLY B 139 -8.95 -14.09 -36.84
N ARG B 140 -9.05 -13.38 -35.72
CA ARG B 140 -8.77 -11.95 -35.69
C ARG B 140 -7.51 -11.57 -34.91
N PHE B 141 -6.68 -12.57 -34.63
CA PHE B 141 -5.36 -12.33 -34.06
C PHE B 141 -4.34 -13.18 -34.82
N LYS B 142 -3.43 -12.50 -35.53
CA LYS B 142 -2.41 -13.15 -36.32
C LYS B 142 -1.00 -12.76 -35.85
N VAL B 143 -0.06 -13.68 -35.99
CA VAL B 143 1.35 -13.44 -35.68
C VAL B 143 2.22 -13.74 -36.90
N PHE B 144 3.06 -12.80 -37.29
CA PHE B 144 3.96 -12.99 -38.44
C PHE B 144 4.84 -14.20 -38.18
N ASN B 145 5.06 -15.03 -39.21
CA ASN B 145 5.84 -16.25 -39.01
C ASN B 145 7.32 -15.96 -38.66
N THR B 146 7.70 -14.70 -38.80
CA THR B 146 9.04 -14.25 -38.42
C THR B 146 9.16 -13.84 -36.95
N CYS B 147 8.08 -13.98 -36.19
CA CYS B 147 8.07 -13.61 -34.77
C CYS B 147 8.12 -14.86 -33.90
N GLU B 148 9.12 -15.71 -34.15
CA GLU B 148 9.26 -16.98 -33.45
C GLU B 148 9.23 -16.92 -31.91
N PRO B 149 9.86 -15.88 -31.29
CA PRO B 149 9.79 -15.87 -29.81
C PRO B 149 8.36 -15.85 -29.25
N PHE B 150 7.39 -15.37 -30.04
CA PHE B 150 5.99 -15.45 -29.60
C PHE B 150 5.55 -16.89 -29.52
N PHE B 151 5.88 -17.67 -30.54
CA PHE B 151 5.39 -19.05 -30.60
C PHE B 151 6.06 -19.94 -29.55
N GLU B 152 7.33 -19.67 -29.27
CA GLU B 152 8.04 -20.36 -28.21
C GLU B 152 7.31 -20.22 -26.87
N GLU B 153 6.79 -19.02 -26.59
CA GLU B 153 6.08 -18.75 -25.34
C GLU B 153 4.66 -19.29 -25.36
N PHE B 154 3.98 -19.06 -26.47
CA PHE B 154 2.63 -19.55 -26.75
C PHE B 154 2.52 -21.05 -26.46
N ARG B 155 3.53 -21.80 -26.89
CA ARG B 155 3.57 -23.26 -26.71
C ARG B 155 3.66 -23.70 -25.25
N LEU B 156 4.29 -22.88 -24.42
CA LEU B 156 4.59 -23.24 -23.04
C LEU B 156 3.63 -22.62 -22.00
N TYR B 157 2.79 -21.70 -22.44
CA TYR B 157 1.95 -20.91 -21.53
C TYR B 157 0.85 -21.79 -20.96
N HIS B 158 0.85 -21.96 -19.63
CA HIS B 158 -0.07 -22.91 -19.01
C HIS B 158 -0.50 -22.46 -17.63
N ARG B 159 -1.41 -23.23 -17.03
CA ARG B 159 -1.88 -23.00 -15.67
C ARG B 159 -1.34 -24.08 -14.74
N ASP B 160 -1.13 -23.72 -13.47
CA ASP B 160 -0.64 -24.71 -12.51
C ASP B 160 -1.76 -25.66 -12.08
N GLU B 161 -1.44 -26.50 -11.10
CA GLU B 161 -2.35 -27.55 -10.64
C GLU B 161 -3.66 -26.99 -10.11
N ASN B 162 -3.65 -25.73 -9.67
CA ASN B 162 -4.85 -25.12 -9.09
C ASN B 162 -5.57 -24.13 -10.00
N GLY B 163 -5.07 -23.97 -11.22
CA GLY B 163 -5.75 -23.14 -12.21
C GLY B 163 -5.22 -21.73 -12.34
N LYS B 164 -4.10 -21.42 -11.69
CA LYS B 164 -3.47 -20.09 -11.83
C LYS B 164 -2.47 -20.06 -12.98
N ILE B 165 -2.41 -18.93 -13.69
CA ILE B 165 -1.41 -18.74 -14.73
C ILE B 165 -0.02 -18.93 -14.15
N VAL B 166 0.80 -19.75 -14.80
CA VAL B 166 2.19 -19.85 -14.44
C VAL B 166 2.94 -18.75 -15.21
N LYS B 167 3.45 -17.77 -14.48
CA LYS B 167 4.04 -16.59 -15.10
C LYS B 167 5.53 -16.74 -15.35
N THR B 168 5.87 -17.58 -16.31
CA THR B 168 7.24 -17.76 -16.79
C THR B 168 7.20 -17.82 -18.31
N ASN B 169 8.33 -17.53 -18.97
CA ASN B 169 8.40 -17.53 -20.44
C ASN B 169 7.25 -16.77 -21.06
N ASP B 170 7.00 -15.57 -20.56
CA ASP B 170 5.80 -14.84 -20.91
C ASP B 170 6.05 -13.35 -21.16
N ASP B 171 7.28 -13.02 -21.52
CA ASP B 171 7.65 -11.63 -21.76
C ASP B 171 6.98 -11.07 -23.03
N VAL B 172 7.14 -11.77 -24.14
CA VAL B 172 6.50 -11.39 -25.39
C VAL B 172 4.98 -11.42 -25.26
N LEU B 173 4.48 -12.39 -24.50
CA LEU B 173 3.04 -12.50 -24.25
C LEU B 173 2.53 -11.30 -23.48
N ASP B 174 3.21 -10.96 -22.39
CA ASP B 174 2.85 -9.78 -21.60
C ASP B 174 2.87 -8.51 -22.45
N ALA B 175 3.98 -8.30 -23.16
CA ALA B 175 4.13 -7.14 -24.05
C ALA B 175 2.97 -7.04 -25.04
N THR B 176 2.69 -8.15 -25.72
CA THR B 176 1.58 -8.22 -26.67
C THR B 176 0.27 -7.82 -26.00
N ARG B 177 0.04 -8.34 -24.80
CA ARG B 177 -1.17 -8.05 -24.06
C ARG B 177 -1.24 -6.55 -23.71
N TYR B 178 -0.09 -5.95 -23.34
CA TYR B 178 -0.03 -4.51 -23.05
C TYR B 178 -0.37 -3.64 -24.24
N GLY B 179 0.17 -4.00 -25.41
CA GLY B 179 -0.13 -3.28 -26.64
C GLY B 179 -1.59 -3.37 -26.98
N TYR B 180 -2.16 -4.56 -26.84
CA TYR B 180 -3.58 -4.77 -27.07
C TYR B 180 -4.44 -3.95 -26.13
N MET B 181 -4.08 -3.93 -24.84
CA MET B 181 -4.86 -3.17 -23.85
C MET B 181 -4.88 -1.70 -24.18
N MET B 182 -3.74 -1.20 -24.65
CA MET B 182 -3.57 0.22 -24.92
C MET B 182 -3.83 0.60 -26.38
N ARG B 183 -4.53 -0.26 -27.10
CA ARG B 183 -4.75 -0.06 -28.53
C ARG B 183 -5.44 1.25 -28.90
N ARG B 184 -6.10 1.88 -27.93
CA ARG B 184 -6.73 3.20 -28.15
C ARG B 184 -5.67 4.27 -28.44
N PHE B 185 -4.42 3.99 -28.07
CA PHE B 185 -3.32 4.92 -28.34
C PHE B 185 -2.52 4.58 -29.60
N ALA B 186 -2.86 3.46 -30.25
CA ALA B 186 -2.25 3.12 -31.53
C ALA B 186 -2.46 4.23 -32.57
N ARG B 187 -1.43 4.51 -33.35
CA ARG B 187 -1.49 5.60 -34.32
C ARG B 187 -1.63 5.04 -35.75
N MET B 188 -2.44 5.73 -36.57
CA MET B 188 -2.58 5.32 -37.96
C MET B 188 -1.25 5.42 -38.71
N MET B 189 -0.94 4.38 -39.46
CA MET B 189 0.32 4.27 -40.18
C MET B 189 0.66 5.51 -41.02
N ARG B 190 -0.31 6.00 -41.77
CA ARG B 190 -0.02 7.14 -42.65
C ARG B 190 0.23 8.45 -41.90
N ASP B 191 -0.24 8.54 -40.66
CA ASP B 191 -0.03 9.73 -39.85
C ASP B 191 1.30 9.67 -39.09
N ILE B 192 1.87 8.46 -38.99
CA ILE B 192 3.14 8.28 -38.29
C ILE B 192 4.15 9.17 -38.94
N ARG B 193 4.66 8.71 -40.08
CA ARG B 193 5.47 9.51 -40.98
C ARG B 193 5.52 8.67 -42.23
N LYS B 194 4.76 9.08 -43.24
CA LYS B 194 4.56 8.26 -44.43
C LYS B 194 3.97 9.08 -45.56
N THR C 1 40.24 35.92 27.22
CA THR C 1 39.35 35.27 28.20
C THR C 1 38.13 34.61 27.53
N MET C 2 37.49 35.33 26.61
CA MET C 2 36.52 34.74 25.70
C MET C 2 37.15 34.57 24.32
N GLY C 3 38.48 34.51 24.29
CA GLY C 3 39.24 34.31 23.08
C GLY C 3 38.99 35.36 22.01
N SER C 4 38.72 34.90 20.79
CA SER C 4 38.36 35.77 19.68
C SER C 4 36.85 36.03 19.62
N GLY C 5 36.12 35.53 20.62
CA GLY C 5 34.72 35.82 20.77
C GLY C 5 33.82 34.60 21.00
N ARG C 6 32.63 34.88 21.52
CA ARG C 6 31.66 33.82 21.80
C ARG C 6 31.14 33.18 20.51
N ILE C 7 30.88 31.89 20.60
CA ILE C 7 30.41 31.10 19.46
C ILE C 7 28.94 31.39 19.15
N PHE C 8 28.11 31.45 20.21
CA PHE C 8 26.70 31.79 20.05
C PHE C 8 26.43 33.22 20.53
N GLN C 9 26.54 34.20 19.62
CA GLN C 9 26.28 35.60 19.99
C GLN C 9 24.79 35.91 19.81
N ILE C 10 24.01 35.28 20.67
CA ILE C 10 22.56 35.31 20.60
C ILE C 10 22.04 35.51 22.01
N PRO C 11 21.08 36.41 22.20
CA PRO C 11 20.52 36.66 23.53
C PRO C 11 19.87 35.42 24.10
N GLU C 12 20.26 35.01 25.31
CA GLU C 12 19.73 33.81 25.96
C GLU C 12 18.23 33.78 25.96
N GLU C 13 17.63 34.93 26.15
CA GLU C 13 16.19 35.01 26.27
C GLU C 13 15.46 34.65 24.97
N THR C 14 16.13 34.83 23.83
CA THR C 14 15.55 34.44 22.55
C THR C 14 15.41 32.91 22.44
N ILE C 15 16.29 32.16 23.10
CA ILE C 15 16.23 30.71 22.98
C ILE C 15 15.59 30.01 24.19
N LYS C 16 15.41 30.75 25.28
CA LYS C 16 14.78 30.20 26.49
C LYS C 16 13.26 30.11 26.37
N CYS C 17 12.66 29.06 26.91
CA CYS C 17 11.19 28.92 26.90
C CYS C 17 10.64 28.31 28.17
N GLN C 18 9.36 28.53 28.44
CA GLN C 18 8.66 27.91 29.57
C GLN C 18 8.46 26.42 29.31
N PRO C 19 8.71 25.58 30.33
CA PRO C 19 8.45 24.14 30.20
C PRO C 19 6.98 23.85 29.89
N PHE C 20 6.74 22.73 29.23
CA PHE C 20 5.41 22.30 28.87
C PHE C 20 5.48 20.77 28.76
N GLU C 21 4.33 20.13 28.70
CA GLU C 21 4.31 18.67 28.54
C GLU C 21 4.43 18.30 27.07
N CYS C 22 5.17 17.24 26.80
CA CYS C 22 5.43 16.82 25.43
C CYS C 22 4.16 16.35 24.74
N PRO C 23 3.79 17.01 23.63
CA PRO C 23 2.66 16.53 22.84
C PRO C 23 2.93 15.14 22.25
N ASP C 24 1.86 14.37 22.02
CA ASP C 24 1.97 13.00 21.53
C ASP C 24 2.75 12.90 20.23
N HIS C 25 2.68 13.95 19.41
CA HIS C 25 3.22 13.89 18.07
C HIS C 25 4.64 14.45 17.97
N PHE C 26 5.21 14.92 19.08
CA PHE C 26 6.60 15.34 19.08
C PHE C 26 7.49 14.11 19.14
N TYR C 27 8.71 14.25 18.62
CA TYR C 27 9.68 13.17 18.69
C TYR C 27 10.67 13.41 19.84
N VAL C 28 11.19 12.33 20.40
CA VAL C 28 12.02 12.39 21.59
C VAL C 28 13.32 11.62 21.41
N ILE C 29 14.44 12.23 21.80
CA ILE C 29 15.71 11.53 21.79
C ILE C 29 16.57 12.01 22.95
N ASP C 30 17.35 11.10 23.51
CA ASP C 30 18.30 11.43 24.57
C ASP C 30 19.71 11.43 24.00
N ALA C 31 20.64 12.03 24.75
CA ALA C 31 22.04 11.95 24.37
C ALA C 31 22.94 11.98 25.59
N GLN C 32 24.13 11.42 25.43
CA GLN C 32 25.08 11.26 26.52
C GLN C 32 26.46 11.81 26.14
N ASP C 33 27.07 12.59 27.03
CA ASP C 33 28.50 12.84 26.94
C ASP C 33 29.14 12.15 28.12
N PHE C 34 30.13 11.31 27.84
CA PHE C 34 30.76 10.57 28.92
C PHE C 34 31.76 11.46 29.66
N GLY C 35 31.99 11.15 30.94
CA GLY C 35 32.93 11.91 31.75
C GLY C 35 33.01 11.47 33.20
N TRP C 36 34.24 11.35 33.72
CA TRP C 36 34.43 11.07 35.15
C TRP C 36 35.01 12.29 35.88
N ASN C 37 36.25 12.64 35.55
CA ASN C 37 36.87 13.84 36.09
C ASN C 37 36.18 15.07 35.55
N HIS C 38 35.91 15.06 34.24
CA HIS C 38 35.04 16.05 33.61
C HIS C 38 33.59 15.65 33.87
N PRO C 39 32.66 16.61 33.88
CA PRO C 39 31.27 16.23 34.06
C PRO C 39 30.76 15.36 32.91
N GLN C 40 29.90 14.39 33.22
CA GLN C 40 29.12 13.75 32.18
C GLN C 40 27.83 14.56 32.01
N ALA C 41 27.17 14.40 30.87
CA ALA C 41 25.87 15.02 30.66
C ALA C 41 24.89 14.06 30.00
N HIS C 42 23.66 14.03 30.51
CA HIS C 42 22.59 13.33 29.83
C HIS C 42 21.47 14.34 29.53
N ILE C 43 21.08 14.45 28.27
CA ILE C 43 20.07 15.42 27.87
C ILE C 43 18.89 14.75 27.19
N GLN C 44 17.77 15.47 27.12
CA GLN C 44 16.64 15.04 26.30
C GLN C 44 16.18 16.16 25.39
N LEU C 45 15.99 15.83 24.13
CA LEU C 45 15.66 16.79 23.11
C LEU C 45 14.31 16.40 22.54
N TRP C 46 13.40 17.37 22.40
CA TRP C 46 12.13 17.11 21.74
C TRP C 46 12.17 17.77 20.37
N TRP C 47 11.56 17.11 19.39
CA TRP C 47 11.53 17.62 18.04
C TRP C 47 10.10 17.63 17.54
N ASP C 48 9.60 18.83 17.31
CA ASP C 48 8.35 19.05 16.59
C ASP C 48 8.71 19.03 15.10
N LYS C 49 8.46 17.91 14.41
CA LYS C 49 8.84 17.80 13.00
C LYS C 49 7.95 18.65 12.08
N ASP C 50 6.72 18.94 12.53
CA ASP C 50 5.78 19.72 11.74
C ASP C 50 6.25 21.18 11.62
N ALA C 51 6.55 21.79 12.76
CA ALA C 51 7.08 23.16 12.77
C ALA C 51 8.58 23.15 12.56
N ASP C 52 9.19 21.98 12.75
CA ASP C 52 10.65 21.79 12.67
C ASP C 52 11.34 22.65 13.73
N VAL C 53 10.91 22.49 14.98
CA VAL C 53 11.45 23.21 16.13
C VAL C 53 11.98 22.21 17.16
N PHE C 54 13.13 22.51 17.76
CA PHE C 54 13.75 21.65 18.75
C PHE C 54 13.65 22.26 20.15
N TYR C 55 13.40 21.40 21.14
CA TYR C 55 13.30 21.84 22.53
C TYR C 55 14.23 21.01 23.38
N LEU C 56 15.23 21.64 23.98
CA LEU C 56 16.07 20.96 24.95
C LEU C 56 15.29 20.93 26.26
N ALA C 57 14.72 19.77 26.57
CA ALA C 57 13.71 19.68 27.64
C ALA C 57 14.24 19.18 28.98
N ARG C 58 15.30 18.37 28.95
CA ARG C 58 15.88 17.84 30.18
C ARG C 58 17.40 17.87 30.09
N VAL C 59 18.05 18.27 31.19
CA VAL C 59 19.49 18.31 31.29
C VAL C 59 19.97 17.85 32.66
N TRP C 60 20.95 16.94 32.67
CA TRP C 60 21.59 16.52 33.90
C TRP C 60 23.09 16.48 33.66
N LYS C 61 23.85 17.16 34.53
CA LYS C 61 25.29 17.26 34.38
C LYS C 61 25.96 17.01 35.73
N LYS C 62 26.92 16.09 35.77
CA LYS C 62 27.58 15.75 37.05
C LYS C 62 28.95 15.09 36.89
N SER C 63 29.89 15.51 37.73
CA SER C 63 31.22 14.88 37.78
C SER C 63 31.19 13.64 38.66
N GLU C 64 32.11 12.71 38.37
CA GLU C 64 32.38 11.56 39.22
C GLU C 64 31.13 10.75 39.58
N ASN C 65 30.31 10.47 38.58
CA ASN C 65 29.17 9.57 38.72
C ASN C 65 29.32 8.39 37.77
N THR C 66 28.95 7.19 38.24
CA THR C 66 28.97 6.02 37.40
C THR C 66 27.73 6.02 36.50
N ALA C 67 27.65 5.03 35.61
CA ALA C 67 26.49 4.88 34.75
C ALA C 67 25.26 4.51 35.56
N VAL C 68 25.45 3.70 36.60
CA VAL C 68 24.39 3.31 37.51
C VAL C 68 23.81 4.54 38.23
N GLN C 69 24.69 5.46 38.61
CA GLN C 69 24.25 6.69 39.26
C GLN C 69 23.55 7.64 38.31
N ALA C 70 24.05 7.71 37.07
CA ALA C 70 23.41 8.52 36.04
C ALA C 70 21.99 8.03 35.81
N TRP C 71 21.84 6.72 35.65
CA TRP C 71 20.53 6.09 35.45
C TRP C 71 19.56 6.38 36.59
N GLY C 72 20.04 6.29 37.82
CA GLY C 72 19.21 6.64 38.97
C GLY C 72 18.78 8.10 38.99
N ALA C 73 19.62 8.97 38.44
CA ALA C 73 19.33 10.41 38.44
C ALA C 73 18.39 10.88 37.33
N VAL C 74 18.32 10.13 36.22
CA VAL C 74 17.54 10.57 35.06
C VAL C 74 16.50 9.58 34.53
N LYS C 75 16.43 8.38 35.11
CA LYS C 75 15.58 7.33 34.53
C LYS C 75 14.11 7.72 34.42
N SER C 76 13.66 8.63 35.28
CA SER C 76 12.26 9.06 35.25
C SER C 76 11.88 9.63 33.87
N TRP C 77 12.81 10.35 33.25
CA TRP C 77 12.56 10.88 31.91
C TRP C 77 13.32 10.14 30.81
N ALA C 78 14.45 9.50 31.16
CA ALA C 78 15.30 8.84 30.18
C ALA C 78 14.83 7.43 29.78
N ASN C 79 13.92 6.87 30.57
CA ASN C 79 13.46 5.49 30.37
C ASN C 79 12.88 5.25 28.98
N LYS C 80 13.45 4.28 28.29
CA LYS C 80 13.00 3.81 26.97
C LYS C 80 13.32 4.75 25.81
N ILE C 81 13.98 5.87 26.10
CA ILE C 81 14.34 6.84 25.05
C ILE C 81 15.70 6.50 24.43
N PRO C 82 15.77 6.43 23.08
CA PRO C 82 17.06 6.12 22.43
C PRO C 82 18.11 7.16 22.79
N VAL C 83 19.36 6.72 22.99
CA VAL C 83 20.42 7.61 23.45
C VAL C 83 21.57 7.69 22.43
N ALA C 84 21.84 8.93 21.99
CA ALA C 84 22.99 9.21 21.14
C ALA C 84 24.24 9.39 22.01
N TRP C 85 25.40 9.00 21.50
CA TRP C 85 26.62 9.04 22.28
C TRP C 85 27.85 9.15 21.37
N PRO C 86 28.95 9.73 21.88
CA PRO C 86 30.14 10.00 21.07
C PRO C 86 31.16 8.89 21.02
N HIS C 87 32.29 9.20 20.38
CA HIS C 87 33.56 8.47 20.49
C HIS C 87 33.70 7.31 19.53
N ASP C 88 34.25 7.59 18.35
CA ASP C 88 34.70 6.50 17.48
C ASP C 88 36.09 6.00 17.86
N GLY C 89 36.28 5.64 19.13
CA GLY C 89 37.51 5.02 19.55
C GLY C 89 38.45 5.86 20.38
N HIS C 90 39.39 6.52 19.70
CA HIS C 90 40.60 7.08 20.30
C HIS C 90 40.47 8.15 21.42
N GLN C 91 41.01 7.81 22.59
CA GLN C 91 41.28 8.78 23.66
C GLN C 91 42.41 8.18 24.54
N HIS C 92 43.60 8.04 23.95
CA HIS C 92 44.72 7.32 24.51
C HIS C 92 44.39 5.82 24.73
N GLU C 93 43.59 5.27 23.83
CA GLU C 93 43.23 3.84 23.76
C GLU C 93 42.33 3.35 24.90
N LYS C 94 42.24 2.03 25.02
CA LYS C 94 41.36 1.35 25.97
C LYS C 94 39.88 1.64 25.68
N GLY C 95 39.01 1.22 26.58
CA GLY C 95 37.57 1.32 26.36
C GLY C 95 37.00 2.72 26.29
N GLY C 96 36.91 3.25 25.07
CA GLY C 96 36.35 4.58 24.88
C GLY C 96 34.84 4.56 24.70
N GLY C 97 34.38 4.93 23.52
CA GLY C 97 32.95 5.02 23.25
C GLY C 97 32.16 3.75 23.44
N GLU C 98 32.57 2.67 22.75
CA GLU C 98 31.80 1.43 22.72
C GLU C 98 31.76 0.64 24.02
N GLN C 99 32.85 0.70 24.79
CA GLN C 99 32.88 0.03 26.08
C GLN C 99 32.09 0.80 27.14
N LEU C 100 32.14 2.12 27.06
CA LEU C 100 31.35 2.97 27.96
C LEU C 100 29.87 2.85 27.67
N LYS C 101 29.52 2.79 26.38
CA LYS C 101 28.13 2.62 25.97
C LYS C 101 27.55 1.32 26.54
N THR C 102 28.39 0.28 26.64
CA THR C 102 27.99 -1.01 27.20
C THR C 102 27.63 -0.87 28.68
N GLN C 103 28.45 -0.13 29.42
CA GLN C 103 28.21 0.10 30.84
C GLN C 103 26.90 0.85 31.05
N TYR C 104 26.60 1.77 30.13
CA TYR C 104 25.38 2.57 30.20
C TYR C 104 24.14 1.75 29.79
N ALA C 105 24.29 0.91 28.77
CA ALA C 105 23.22 0.00 28.36
C ALA C 105 22.90 -0.97 29.47
N ASP C 106 23.94 -1.48 30.13
CA ASP C 106 23.77 -2.43 31.23
C ASP C 106 23.10 -1.75 32.42
N ALA C 107 23.30 -0.44 32.54
CA ALA C 107 22.70 0.35 33.61
C ALA C 107 21.21 0.62 33.36
N GLY C 108 20.78 0.42 32.11
CA GLY C 108 19.36 0.54 31.76
C GLY C 108 19.04 1.49 30.63
N PHE C 109 20.01 2.27 30.18
CA PHE C 109 19.77 3.23 29.10
C PHE C 109 19.58 2.52 27.76
N SER C 110 18.67 3.05 26.94
CA SER C 110 18.48 2.55 25.59
C SER C 110 19.49 3.15 24.62
N MET C 111 20.73 2.73 24.78
CA MET C 111 21.82 3.26 24.00
C MET C 111 21.70 2.84 22.53
N LEU C 112 21.83 3.80 21.61
CA LEU C 112 21.79 3.51 20.18
C LEU C 112 22.99 2.65 19.77
N PRO C 113 22.83 1.79 18.74
CA PRO C 113 23.88 0.83 18.37
C PRO C 113 25.18 1.47 17.92
N ASP C 114 25.09 2.62 17.25
CA ASP C 114 26.28 3.28 16.71
C ASP C 114 26.48 4.70 17.25
N HIS C 115 27.74 5.18 17.21
CA HIS C 115 28.10 6.50 17.75
C HIS C 115 27.42 7.58 16.94
N ALA C 116 27.39 8.79 17.49
CA ALA C 116 26.62 9.87 16.90
C ALA C 116 27.25 10.35 15.60
N THR C 117 26.46 10.28 14.53
CA THR C 117 26.88 10.82 13.24
C THR C 117 25.73 11.56 12.56
N PHE C 118 26.07 12.44 11.63
CA PHE C 118 25.10 12.99 10.70
C PHE C 118 24.70 11.85 9.78
N PRO C 119 23.66 12.06 8.97
CA PRO C 119 23.17 11.02 8.08
C PRO C 119 24.26 10.45 7.15
N ASP C 120 25.25 11.28 6.80
CA ASP C 120 26.28 10.87 5.84
C ASP C 120 27.50 10.21 6.48
N GLY C 121 27.46 9.99 7.78
CA GLY C 121 28.57 9.34 8.48
C GLY C 121 29.54 10.31 9.11
N GLY C 122 29.38 11.59 8.81
CA GLY C 122 30.25 12.63 9.36
C GLY C 122 29.94 12.95 10.81
N ASN C 123 30.86 13.63 11.49
CA ASN C 123 30.64 14.03 12.87
C ASN C 123 31.25 15.40 13.21
N SER C 124 31.47 16.23 12.19
CA SER C 124 31.98 17.58 12.38
C SER C 124 31.29 18.38 13.47
N VAL C 125 32.08 18.84 14.45
CA VAL C 125 31.57 19.76 15.47
C VAL C 125 31.21 21.11 14.83
N GLU C 126 32.09 21.61 13.98
CA GLU C 126 31.85 22.87 13.26
C GLU C 126 30.51 22.84 12.52
N SER C 127 30.22 21.76 11.82
CA SER C 127 28.97 21.63 11.09
C SER C 127 27.74 21.64 12.03
N GLY C 128 27.84 20.96 13.17
CA GLY C 128 26.77 20.93 14.14
C GLY C 128 26.51 22.30 14.76
N ILE C 129 27.60 23.01 15.05
CA ILE C 129 27.50 24.34 15.62
C ILE C 129 26.81 25.31 14.67
N SER C 130 27.17 25.24 13.39
CA SER C 130 26.59 26.12 12.38
C SER C 130 25.09 25.87 12.24
N GLU C 131 24.71 24.61 12.20
CA GLU C 131 23.30 24.24 12.08
C GLU C 131 22.51 24.67 13.30
N LEU C 132 23.07 24.42 14.49
CA LEU C 132 22.41 24.84 15.72
C LEU C 132 22.25 26.36 15.81
N ARG C 133 23.25 27.11 15.39
CA ARG C 133 23.14 28.56 15.43
C ARG C 133 22.05 29.06 14.49
N ASP C 134 21.94 28.44 13.31
CA ASP C 134 20.89 28.81 12.37
C ASP C 134 19.53 28.60 13.01
N LEU C 135 19.35 27.44 13.64
CA LEU C 135 18.09 27.10 14.28
C LEU C 135 17.77 28.12 15.36
N MET C 136 18.77 28.49 16.15
CA MET C 136 18.60 29.51 17.18
C MET C 136 18.14 30.85 16.61
N LEU C 137 18.78 31.26 15.52
CA LEU C 137 18.45 32.53 14.90
C LEU C 137 17.06 32.56 14.25
N GLU C 138 16.66 31.43 13.71
CA GLU C 138 15.35 31.29 13.07
C GLU C 138 14.22 31.05 14.07
N GLY C 139 14.57 30.95 15.36
CA GLY C 139 13.58 30.70 16.40
C GLY C 139 13.18 29.25 16.53
N ARG C 140 14.01 28.35 16.02
CA ARG C 140 13.66 26.94 15.94
C ARG C 140 14.49 26.04 16.87
N PHE C 141 15.14 26.65 17.84
CA PHE C 141 15.86 25.92 18.88
C PHE C 141 15.60 26.61 20.21
N LYS C 142 14.89 25.91 21.08
CA LYS C 142 14.50 26.43 22.39
C LYS C 142 15.07 25.56 23.51
N VAL C 143 15.34 26.17 24.65
CA VAL C 143 15.82 25.47 25.84
C VAL C 143 14.92 25.82 27.02
N PHE C 144 14.40 24.80 27.71
CA PHE C 144 13.54 25.01 28.87
C PHE C 144 14.29 25.82 29.90
N ASN C 145 13.62 26.76 30.57
CA ASN C 145 14.31 27.63 31.52
C ASN C 145 14.78 26.86 32.77
N THR C 146 14.35 25.61 32.87
CA THR C 146 14.80 24.72 33.93
C THR C 146 16.08 23.95 33.60
N CYS C 147 16.65 24.18 32.42
CA CYS C 147 17.89 23.52 32.00
C CYS C 147 19.08 24.46 32.11
N GLU C 148 19.27 25.02 33.30
CA GLU C 148 20.34 25.99 33.54
C GLU C 148 21.76 25.55 33.14
N PRO C 149 22.13 24.26 33.35
CA PRO C 149 23.49 23.91 32.93
C PRO C 149 23.78 24.16 31.44
N PHE C 150 22.73 24.18 30.60
CA PHE C 150 22.92 24.54 29.21
C PHE C 150 23.38 25.98 29.08
N PHE C 151 22.69 26.87 29.80
CA PHE C 151 22.97 28.30 29.67
C PHE C 151 24.33 28.68 30.25
N GLU C 152 24.72 28.00 31.31
CA GLU C 152 26.05 28.17 31.89
C GLU C 152 27.14 27.91 30.84
N GLU C 153 26.96 26.90 30.00
CA GLU C 153 27.94 26.55 28.99
C GLU C 153 27.84 27.46 27.76
N PHE C 154 26.60 27.71 27.35
CA PHE C 154 26.26 28.60 26.25
C PHE C 154 26.95 29.96 26.40
N ARG C 155 26.97 30.47 27.62
CA ARG C 155 27.56 31.77 27.94
C ARG C 155 29.08 31.80 27.77
N LEU C 156 29.72 30.64 27.97
CA LEU C 156 31.19 30.55 28.01
C LEU C 156 31.80 30.01 26.73
N TYR C 157 30.96 29.49 25.84
CA TYR C 157 31.43 28.79 24.65
C TYR C 157 32.06 29.78 23.67
N HIS C 158 33.35 29.60 23.38
CA HIS C 158 34.07 30.58 22.58
C HIS C 158 35.17 29.94 21.73
N ARG C 159 35.80 30.77 20.89
CA ARG C 159 36.93 30.36 20.07
C ARG C 159 38.21 30.96 20.61
N ASP C 160 39.33 30.29 20.41
CA ASP C 160 40.61 30.83 20.86
C ASP C 160 41.10 31.93 19.93
N GLU C 161 42.34 32.36 20.14
CA GLU C 161 42.88 33.51 19.42
C GLU C 161 43.05 33.22 17.93
N ASN C 162 43.10 31.94 17.56
CA ASN C 162 43.23 31.57 16.15
C ASN C 162 41.96 31.06 15.47
N GLY C 163 40.84 31.06 16.20
CA GLY C 163 39.56 30.72 15.62
C GLY C 163 39.09 29.30 15.84
N LYS C 164 39.80 28.56 16.68
CA LYS C 164 39.41 27.19 17.01
C LYS C 164 38.48 27.16 18.22
N ILE C 165 37.47 26.29 18.19
CA ILE C 165 36.60 26.07 19.34
C ILE C 165 37.44 25.70 20.55
N VAL C 166 37.20 26.39 21.66
CA VAL C 166 37.82 26.00 22.92
C VAL C 166 36.91 24.95 23.57
N LYS C 167 37.40 23.73 23.65
CA LYS C 167 36.57 22.61 24.09
C LYS C 167 36.63 22.39 25.60
N THR C 168 36.03 23.30 26.34
CA THR C 168 35.86 23.21 27.79
C THR C 168 34.45 23.65 28.14
N ASN C 169 33.94 23.24 29.30
CA ASN C 169 32.56 23.58 29.73
C ASN C 169 31.57 23.34 28.61
N ASP C 170 31.65 22.17 27.99
CA ASP C 170 30.88 21.90 26.77
C ASP C 170 30.26 20.51 26.74
N ASP C 171 30.00 19.95 27.92
CA ASP C 171 29.42 18.61 28.02
C ASP C 171 27.95 18.54 27.63
N VAL C 172 27.16 19.48 28.14
CA VAL C 172 25.75 19.61 27.75
C VAL C 172 25.62 20.03 26.29
N LEU C 173 26.55 20.87 25.83
CA LEU C 173 26.55 21.34 24.45
C LEU C 173 26.84 20.19 23.51
N ASP C 174 27.88 19.42 23.82
CA ASP C 174 28.20 18.22 23.03
C ASP C 174 27.03 17.26 22.98
N ALA C 175 26.50 16.88 24.16
CA ALA C 175 25.33 16.00 24.23
C ALA C 175 24.18 16.49 23.36
N THR C 176 23.83 17.76 23.51
CA THR C 176 22.77 18.35 22.72
C THR C 176 23.05 18.21 21.23
N ARG C 177 24.29 18.47 20.84
CA ARG C 177 24.70 18.34 19.46
C ARG C 177 24.57 16.87 18.97
N TYR C 178 24.94 15.91 19.82
CA TYR C 178 24.79 14.48 19.48
C TYR C 178 23.34 14.06 19.26
N GLY C 179 22.45 14.51 20.13
CA GLY C 179 21.04 14.22 19.97
C GLY C 179 20.47 14.82 18.69
N TYR C 180 20.88 16.05 18.38
CA TYR C 180 20.47 16.72 17.16
C TYR C 180 20.98 15.98 15.92
N MET C 181 22.24 15.55 15.93
CA MET C 181 22.82 14.81 14.80
C MET C 181 22.06 13.52 14.55
N MET C 182 21.64 12.86 15.63
CA MET C 182 21.00 11.55 15.54
C MET C 182 19.48 11.63 15.58
N ARG C 183 18.93 12.81 15.29
CA ARG C 183 17.49 13.04 15.38
C ARG C 183 16.64 12.11 14.50
N ARG C 184 17.27 11.47 13.50
CA ARG C 184 16.55 10.48 12.69
C ARG C 184 16.15 9.24 13.49
N PHE C 185 16.78 9.06 14.65
CA PHE C 185 16.44 7.96 15.54
C PHE C 185 15.48 8.35 16.68
N ALA C 186 15.16 9.65 16.79
CA ALA C 186 14.17 10.12 17.77
C ALA C 186 12.84 9.40 17.57
N ARG C 187 12.20 9.03 18.68
CA ARG C 187 10.95 8.29 18.59
C ARG C 187 9.73 9.17 18.92
N MET C 188 8.62 8.96 18.22
CA MET C 188 7.40 9.71 18.50
C MET C 188 6.89 9.44 19.91
N MET C 189 6.55 10.51 20.62
CA MET C 189 6.15 10.43 22.02
C MET C 189 5.05 9.40 22.26
N ARG C 190 4.02 9.38 21.42
CA ARG C 190 2.91 8.45 21.63
C ARG C 190 3.26 7.00 21.40
N ASP C 191 4.32 6.74 20.65
CA ASP C 191 4.73 5.36 20.37
C ASP C 191 5.71 4.88 21.46
N ILE C 192 6.28 5.82 22.24
CA ILE C 192 7.21 5.46 23.32
C ILE C 192 6.48 4.50 24.23
N ARG C 193 5.64 5.07 25.09
CA ARG C 193 4.69 4.30 25.90
C ARG C 193 3.77 5.38 26.43
N LYS C 194 2.57 5.47 25.85
CA LYS C 194 1.68 6.57 26.16
C LYS C 194 0.27 6.25 25.68
N THR D 1 -15.09 -25.03 27.08
CA THR D 1 -16.20 -24.49 26.31
C THR D 1 -15.77 -24.10 24.87
N MET D 2 -14.65 -23.39 24.77
CA MET D 2 -13.95 -23.20 23.49
C MET D 2 -12.74 -24.12 23.43
N GLY D 3 -12.77 -25.19 24.22
CA GLY D 3 -11.72 -26.19 24.29
C GLY D 3 -10.35 -25.62 24.62
N SER D 4 -9.35 -25.98 23.81
CA SER D 4 -8.00 -25.46 23.97
C SER D 4 -7.80 -24.14 23.19
N GLY D 5 -8.88 -23.63 22.59
CA GLY D 5 -8.86 -22.34 21.92
C GLY D 5 -9.49 -22.30 20.55
N ARG D 6 -9.84 -21.10 20.12
CA ARG D 6 -10.43 -20.91 18.80
C ARG D 6 -9.43 -21.19 17.69
N ILE D 7 -9.93 -21.76 16.59
CA ILE D 7 -9.14 -22.13 15.44
C ILE D 7 -8.70 -20.89 14.64
N PHE D 8 -9.62 -19.97 14.42
CA PHE D 8 -9.30 -18.71 13.73
C PHE D 8 -9.26 -17.55 14.76
N GLN D 9 -8.09 -17.28 15.30
CA GLN D 9 -7.95 -16.18 16.26
C GLN D 9 -7.65 -14.88 15.54
N ILE D 10 -8.65 -14.43 14.77
CA ILE D 10 -8.53 -13.31 13.87
C ILE D 10 -9.79 -12.46 14.09
N PRO D 11 -9.61 -11.14 14.22
CA PRO D 11 -10.78 -10.26 14.35
C PRO D 11 -11.69 -10.37 13.12
N GLU D 12 -12.97 -10.66 13.34
CA GLU D 12 -13.95 -10.76 12.25
C GLU D 12 -13.93 -9.60 11.28
N GLU D 13 -13.71 -8.41 11.81
CA GLU D 13 -13.76 -7.23 10.98
C GLU D 13 -12.64 -7.18 9.95
N THR D 14 -11.53 -7.86 10.24
CA THR D 14 -10.43 -7.93 9.28
C THR D 14 -10.79 -8.77 8.04
N ILE D 15 -11.71 -9.72 8.18
CA ILE D 15 -12.07 -10.56 7.02
C ILE D 15 -13.44 -10.20 6.40
N LYS D 16 -14.15 -9.27 7.02
CA LYS D 16 -15.47 -8.86 6.57
C LYS D 16 -15.31 -7.78 5.47
N CYS D 17 -16.18 -7.79 4.45
CA CYS D 17 -16.17 -6.74 3.45
C CYS D 17 -17.57 -6.37 2.99
N GLN D 18 -17.72 -5.18 2.42
CA GLN D 18 -18.99 -4.77 1.80
C GLN D 18 -19.24 -5.54 0.51
N PRO D 19 -20.49 -6.00 0.31
CA PRO D 19 -20.84 -6.67 -0.95
C PRO D 19 -20.60 -5.77 -2.17
N PHE D 20 -20.27 -6.40 -3.30
CA PHE D 20 -20.12 -5.72 -4.56
C PHE D 20 -20.56 -6.69 -5.64
N GLU D 21 -20.69 -6.20 -6.87
CA GLU D 21 -21.03 -7.06 -8.00
C GLU D 21 -19.79 -7.74 -8.55
N CYS D 22 -19.92 -9.00 -8.91
CA CYS D 22 -18.79 -9.78 -9.42
C CYS D 22 -18.26 -9.26 -10.75
N PRO D 23 -16.99 -8.82 -10.77
CA PRO D 23 -16.36 -8.41 -12.04
C PRO D 23 -16.29 -9.60 -13.01
N ASP D 24 -16.33 -9.30 -14.30
CA ASP D 24 -16.31 -10.29 -15.36
C ASP D 24 -15.15 -11.27 -15.27
N HIS D 25 -14.03 -10.79 -14.75
CA HIS D 25 -12.80 -11.56 -14.79
C HIS D 25 -12.56 -12.35 -13.50
N PHE D 26 -13.48 -12.25 -12.54
CA PHE D 26 -13.38 -13.08 -11.33
C PHE D 26 -13.86 -14.47 -11.65
N TYR D 27 -13.37 -15.47 -10.91
CA TYR D 27 -13.83 -16.83 -11.06
C TYR D 27 -14.85 -17.18 -9.96
N VAL D 28 -15.78 -18.06 -10.29
CA VAL D 28 -16.91 -18.36 -9.43
C VAL D 28 -17.07 -19.88 -9.23
N ILE D 29 -17.22 -20.31 -7.98
CA ILE D 29 -17.49 -21.71 -7.67
C ILE D 29 -18.44 -21.81 -6.48
N ASP D 30 -19.30 -22.81 -6.52
CA ASP D 30 -20.21 -23.07 -5.42
C ASP D 30 -19.73 -24.30 -4.66
N ALA D 31 -20.27 -24.49 -3.46
CA ALA D 31 -19.99 -25.70 -2.72
C ALA D 31 -21.16 -26.09 -1.82
N GLN D 32 -21.23 -27.39 -1.53
CA GLN D 32 -22.34 -27.96 -0.78
C GLN D 32 -21.81 -28.77 0.40
N ASP D 33 -22.45 -28.60 1.56
CA ASP D 33 -22.31 -29.57 2.64
C ASP D 33 -23.67 -30.20 2.82
N PHE D 34 -23.73 -31.53 2.82
CA PHE D 34 -25.00 -32.20 2.90
C PHE D 34 -25.46 -32.28 4.35
N GLY D 35 -26.78 -32.32 4.55
CA GLY D 35 -27.33 -32.46 5.88
C GLY D 35 -28.83 -32.38 5.99
N TRP D 36 -29.40 -33.26 6.82
CA TRP D 36 -30.83 -33.23 7.09
C TRP D 36 -31.12 -32.79 8.54
N ASN D 37 -30.74 -33.63 9.49
CA ASN D 37 -30.84 -33.27 10.91
C ASN D 37 -29.89 -32.13 11.24
N HIS D 38 -28.66 -32.23 10.73
CA HIS D 38 -27.70 -31.14 10.76
C HIS D 38 -28.03 -30.21 9.61
N PRO D 39 -27.68 -28.93 9.75
CA PRO D 39 -27.94 -28.02 8.62
C PRO D 39 -27.14 -28.42 7.38
N GLN D 40 -27.74 -28.26 6.20
CA GLN D 40 -26.95 -28.27 4.99
C GLN D 40 -26.48 -26.84 4.72
N ALA D 41 -25.42 -26.70 3.92
CA ALA D 41 -24.97 -25.38 3.49
C ALA D 41 -24.67 -25.37 2.00
N HIS D 42 -25.09 -24.30 1.31
CA HIS D 42 -24.64 -24.05 -0.04
C HIS D 42 -23.99 -22.67 -0.09
N ILE D 43 -22.75 -22.59 -0.58
CA ILE D 43 -22.02 -21.33 -0.60
C ILE D 43 -21.56 -20.96 -2.00
N GLN D 44 -21.19 -19.71 -2.19
CA GLN D 44 -20.55 -19.29 -3.41
C GLN D 44 -19.31 -18.47 -3.09
N LEU D 45 -18.23 -18.83 -3.75
CA LEU D 45 -16.95 -18.22 -3.50
C LEU D 45 -16.51 -17.56 -4.80
N TRP D 46 -16.05 -16.31 -4.71
CA TRP D 46 -15.45 -15.64 -5.85
C TRP D 46 -13.94 -15.61 -5.67
N TRP D 47 -13.22 -15.80 -6.78
CA TRP D 47 -11.76 -15.80 -6.79
C TRP D 47 -11.24 -14.79 -7.83
N ASP D 48 -10.57 -13.76 -7.33
CA ASP D 48 -9.79 -12.84 -8.13
C ASP D 48 -8.44 -13.51 -8.27
N LYS D 49 -8.16 -14.12 -9.42
CA LYS D 49 -6.88 -14.81 -9.61
C LYS D 49 -5.71 -13.86 -9.80
N ASP D 50 -5.98 -12.65 -10.27
CA ASP D 50 -4.96 -11.62 -10.45
C ASP D 50 -4.36 -11.15 -9.12
N ALA D 51 -5.22 -10.73 -8.20
CA ALA D 51 -4.80 -10.34 -6.87
C ALA D 51 -4.64 -11.56 -5.97
N ASP D 52 -5.23 -12.68 -6.39
CA ASP D 52 -5.26 -13.94 -5.62
C ASP D 52 -5.96 -13.70 -4.29
N VAL D 53 -7.20 -13.19 -4.38
CA VAL D 53 -8.05 -12.89 -3.23
C VAL D 53 -9.38 -13.63 -3.38
N PHE D 54 -9.88 -14.19 -2.28
CA PHE D 54 -11.12 -14.95 -2.27
C PHE D 54 -12.20 -14.17 -1.55
N TYR D 55 -13.43 -14.25 -2.08
CA TYR D 55 -14.57 -13.59 -1.46
C TYR D 55 -15.67 -14.61 -1.27
N LEU D 56 -16.06 -14.85 -0.02
CA LEU D 56 -17.22 -15.68 0.24
C LEU D 56 -18.42 -14.78 0.04
N ALA D 57 -19.10 -14.92 -1.09
CA ALA D 57 -20.12 -13.96 -1.52
C ALA D 57 -21.57 -14.35 -1.21
N ARG D 58 -21.86 -15.64 -1.16
CA ARG D 58 -23.21 -16.11 -0.88
C ARG D 58 -23.17 -17.27 0.09
N VAL D 59 -24.08 -17.28 1.06
CA VAL D 59 -24.19 -18.36 2.04
C VAL D 59 -25.67 -18.67 2.33
N TRP D 60 -26.01 -19.95 2.27
CA TRP D 60 -27.34 -20.40 2.67
C TRP D 60 -27.19 -21.64 3.54
N LYS D 61 -27.82 -21.62 4.72
CA LYS D 61 -27.70 -22.71 5.68
C LYS D 61 -29.08 -23.06 6.25
N LYS D 62 -29.46 -24.33 6.20
CA LYS D 62 -30.78 -24.72 6.66
C LYS D 62 -30.90 -26.20 6.99
N SER D 63 -31.57 -26.50 8.11
CA SER D 63 -31.88 -27.87 8.50
C SER D 63 -33.14 -28.38 7.80
N GLU D 64 -33.21 -29.69 7.62
CA GLU D 64 -34.41 -30.37 7.15
C GLU D 64 -34.98 -29.80 5.84
N ASN D 65 -34.10 -29.57 4.88
CA ASN D 65 -34.50 -29.20 3.53
C ASN D 65 -34.01 -30.24 2.52
N THR D 66 -34.86 -30.54 1.54
CA THR D 66 -34.47 -31.45 0.47
C THR D 66 -33.59 -30.70 -0.52
N ALA D 67 -33.07 -31.43 -1.50
CA ALA D 67 -32.28 -30.82 -2.56
C ALA D 67 -33.14 -29.89 -3.43
N VAL D 68 -34.41 -30.26 -3.64
CA VAL D 68 -35.36 -29.45 -4.38
C VAL D 68 -35.62 -28.12 -3.67
N GLN D 69 -35.70 -28.17 -2.34
CA GLN D 69 -35.86 -26.94 -1.56
C GLN D 69 -34.59 -26.08 -1.55
N ALA D 70 -33.43 -26.71 -1.47
CA ALA D 70 -32.15 -26.00 -1.54
C ALA D 70 -32.06 -25.24 -2.86
N TRP D 71 -32.34 -25.94 -3.96
CA TRP D 71 -32.32 -25.34 -5.29
C TRP D 71 -33.28 -24.15 -5.40
N GLY D 72 -34.48 -24.29 -4.85
CA GLY D 72 -35.42 -23.19 -4.84
C GLY D 72 -34.92 -21.99 -4.06
N ALA D 73 -34.11 -22.24 -3.03
CA ALA D 73 -33.64 -21.17 -2.16
C ALA D 73 -32.40 -20.43 -2.70
N VAL D 74 -31.62 -21.08 -3.55
CA VAL D 74 -30.35 -20.49 -3.99
C VAL D 74 -30.15 -20.40 -5.51
N LYS D 75 -31.10 -20.91 -6.30
CA LYS D 75 -30.87 -21.02 -7.75
C LYS D 75 -30.61 -19.69 -8.43
N SER D 76 -31.08 -18.60 -7.83
CA SER D 76 -30.87 -17.26 -8.40
C SER D 76 -29.37 -16.96 -8.54
N TRP D 77 -28.57 -17.39 -7.58
CA TRP D 77 -27.11 -17.22 -7.68
C TRP D 77 -26.34 -18.51 -8.00
N ALA D 78 -26.94 -19.67 -7.68
CA ALA D 78 -26.26 -20.96 -7.87
C ALA D 78 -26.38 -21.52 -9.29
N ASN D 79 -27.28 -20.95 -10.09
CA ASN D 79 -27.54 -21.45 -11.44
C ASN D 79 -26.28 -21.49 -12.32
N LYS D 80 -26.01 -22.67 -12.87
CA LYS D 80 -24.89 -22.91 -13.79
C LYS D 80 -23.49 -22.87 -13.17
N ILE D 81 -23.41 -22.66 -11.87
CA ILE D 81 -22.11 -22.61 -11.19
C ILE D 81 -21.69 -24.00 -10.72
N PRO D 82 -20.45 -24.43 -11.05
CA PRO D 82 -19.98 -25.76 -10.63
C PRO D 82 -20.01 -25.88 -9.12
N VAL D 83 -20.41 -27.05 -8.61
CA VAL D 83 -20.55 -27.24 -7.17
C VAL D 83 -19.60 -28.30 -6.62
N ALA D 84 -18.78 -27.91 -5.64
CA ALA D 84 -17.92 -28.86 -4.93
C ALA D 84 -18.72 -29.51 -3.80
N TRP D 85 -18.39 -30.74 -3.45
CA TRP D 85 -19.16 -31.48 -2.46
C TRP D 85 -18.31 -32.60 -1.85
N PRO D 86 -18.63 -33.00 -0.60
CA PRO D 86 -17.81 -33.94 0.16
C PRO D 86 -18.19 -35.40 -0.02
N HIS D 87 -17.50 -36.24 0.75
CA HIS D 87 -17.91 -37.61 1.07
C HIS D 87 -17.44 -38.66 0.10
N ASP D 88 -16.27 -39.22 0.36
CA ASP D 88 -15.80 -40.39 -0.37
C ASP D 88 -16.35 -41.71 0.22
N GLY D 89 -17.67 -41.78 0.36
CA GLY D 89 -18.32 -43.00 0.78
C GLY D 89 -18.85 -43.01 2.22
N HIS D 90 -18.03 -43.54 3.13
CA HIS D 90 -18.43 -43.96 4.48
C HIS D 90 -19.10 -42.94 5.43
N GLN D 91 -20.34 -43.25 5.81
CA GLN D 91 -21.03 -42.64 6.96
C GLN D 91 -22.06 -43.64 7.44
N HIS D 92 -21.59 -44.78 7.94
CA HIS D 92 -22.41 -45.95 8.26
C HIS D 92 -23.13 -46.52 7.02
N GLU D 93 -22.44 -46.43 5.89
CA GLU D 93 -22.87 -47.00 4.60
C GLU D 93 -24.08 -46.34 3.95
N LYS D 94 -24.66 -47.03 2.96
CA LYS D 94 -25.74 -46.51 2.12
C LYS D 94 -25.31 -45.27 1.33
N GLY D 95 -26.27 -44.61 0.68
CA GLY D 95 -25.96 -43.50 -0.20
C GLY D 95 -25.41 -42.26 0.47
N GLY D 96 -24.08 -42.14 0.49
CA GLY D 96 -23.43 -40.98 1.08
C GLY D 96 -23.22 -39.89 0.04
N GLY D 97 -21.96 -39.59 -0.27
CA GLY D 97 -21.64 -38.50 -1.18
C GLY D 97 -22.23 -38.59 -2.57
N GLU D 98 -21.96 -39.70 -3.26
CA GLU D 98 -22.32 -39.85 -4.68
C GLU D 98 -23.82 -39.97 -4.96
N GLN D 99 -24.55 -40.59 -4.05
CA GLN D 99 -26.00 -40.71 -4.21
C GLN D 99 -26.71 -39.39 -3.88
N LEU D 100 -26.18 -38.65 -2.91
CA LEU D 100 -26.71 -37.34 -2.55
C LEU D 100 -26.43 -36.32 -3.66
N LYS D 101 -25.23 -36.40 -4.23
CA LYS D 101 -24.85 -35.52 -5.33
C LYS D 101 -25.81 -35.69 -6.51
N THR D 102 -26.29 -36.92 -6.72
CA THR D 102 -27.25 -37.24 -7.77
C THR D 102 -28.57 -36.54 -7.55
N GLN D 103 -29.04 -36.57 -6.31
CA GLN D 103 -30.30 -35.90 -5.96
C GLN D 103 -30.19 -34.39 -6.18
N TYR D 104 -29.01 -33.84 -5.92
CA TYR D 104 -28.77 -32.41 -6.10
C TYR D 104 -28.61 -32.02 -7.57
N ALA D 105 -27.93 -32.87 -8.34
CA ALA D 105 -27.82 -32.68 -9.77
C ALA D 105 -29.20 -32.72 -10.41
N ASP D 106 -30.03 -33.68 -9.98
CA ASP D 106 -31.37 -33.84 -10.52
C ASP D 106 -32.24 -32.64 -10.17
N ALA D 107 -31.92 -32.01 -9.04
CA ALA D 107 -32.62 -30.83 -8.58
C ALA D 107 -32.23 -29.59 -9.38
N GLY D 108 -31.12 -29.66 -10.10
CA GLY D 108 -30.72 -28.58 -10.98
C GLY D 108 -29.32 -28.03 -10.77
N PHE D 109 -28.67 -28.45 -9.69
CA PHE D 109 -27.33 -27.95 -9.41
C PHE D 109 -26.32 -28.53 -10.39
N SER D 110 -25.30 -27.73 -10.74
CA SER D 110 -24.21 -28.21 -11.58
C SER D 110 -23.13 -28.87 -10.72
N MET D 111 -23.47 -30.02 -10.19
CA MET D 111 -22.57 -30.77 -9.32
C MET D 111 -21.33 -31.26 -10.08
N LEU D 112 -20.14 -31.01 -9.52
CA LEU D 112 -18.90 -31.50 -10.12
C LEU D 112 -18.85 -33.04 -10.08
N PRO D 113 -18.19 -33.65 -11.07
CA PRO D 113 -18.19 -35.12 -11.19
C PRO D 113 -17.59 -35.86 -9.99
N ASP D 114 -16.57 -35.28 -9.37
CA ASP D 114 -15.87 -35.93 -8.26
C ASP D 114 -15.93 -35.14 -6.95
N HIS D 115 -15.76 -35.84 -5.83
CA HIS D 115 -15.80 -35.20 -4.51
C HIS D 115 -14.65 -34.22 -4.33
N ALA D 116 -14.77 -33.36 -3.33
CA ALA D 116 -13.83 -32.25 -3.18
C ALA D 116 -12.46 -32.75 -2.74
N THR D 117 -11.45 -32.50 -3.58
CA THR D 117 -10.07 -32.80 -3.24
C THR D 117 -9.14 -31.64 -3.57
N PHE D 118 -7.98 -31.62 -2.92
CA PHE D 118 -6.88 -30.78 -3.35
C PHE D 118 -6.37 -31.37 -4.66
N PRO D 119 -5.55 -30.64 -5.39
CA PRO D 119 -5.06 -31.13 -6.69
C PRO D 119 -4.42 -32.51 -6.61
N ASP D 120 -3.77 -32.82 -5.49
CA ASP D 120 -3.06 -34.09 -5.34
C ASP D 120 -3.95 -35.26 -4.88
N GLY D 121 -5.26 -35.02 -4.79
CA GLY D 121 -6.18 -36.07 -4.39
C GLY D 121 -6.45 -36.12 -2.89
N GLY D 122 -5.73 -35.32 -2.12
CA GLY D 122 -5.92 -35.30 -0.69
C GLY D 122 -7.15 -34.50 -0.29
N ASN D 123 -7.58 -34.66 0.95
CA ASN D 123 -8.73 -33.89 1.44
C ASN D 123 -8.60 -33.47 2.90
N SER D 124 -7.37 -33.37 3.38
CA SER D 124 -7.07 -32.93 4.75
C SER D 124 -7.83 -31.68 5.20
N VAL D 125 -8.62 -31.80 6.27
CA VAL D 125 -9.25 -30.63 6.86
C VAL D 125 -8.20 -29.70 7.45
N GLU D 126 -7.24 -30.27 8.18
CA GLU D 126 -6.14 -29.50 8.78
C GLU D 126 -5.42 -28.65 7.74
N SER D 127 -5.11 -29.24 6.61
CA SER D 127 -4.43 -28.53 5.52
C SER D 127 -5.26 -27.35 4.99
N GLY D 128 -6.55 -27.57 4.79
CA GLY D 128 -7.46 -26.53 4.36
C GLY D 128 -7.57 -25.38 5.36
N ILE D 129 -7.64 -25.71 6.63
CA ILE D 129 -7.74 -24.71 7.68
C ILE D 129 -6.48 -23.85 7.74
N SER D 130 -5.32 -24.49 7.61
CA SER D 130 -4.06 -23.76 7.63
C SER D 130 -3.97 -22.78 6.46
N GLU D 131 -4.36 -23.24 5.28
CA GLU D 131 -4.29 -22.40 4.09
C GLU D 131 -5.28 -21.26 4.18
N LEU D 132 -6.49 -21.54 4.64
CA LEU D 132 -7.50 -20.50 4.84
C LEU D 132 -7.07 -19.45 5.87
N ARG D 133 -6.42 -19.88 6.95
CA ARG D 133 -5.97 -18.92 7.95
C ARG D 133 -4.89 -18.01 7.41
N ASP D 134 -3.98 -18.58 6.62
CA ASP D 134 -2.93 -17.78 5.99
C ASP D 134 -3.56 -16.70 5.12
N LEU D 135 -4.55 -17.09 4.32
CA LEU D 135 -5.22 -16.15 3.43
C LEU D 135 -5.88 -15.04 4.23
N MET D 136 -6.54 -15.41 5.32
CA MET D 136 -7.17 -14.42 6.20
C MET D 136 -6.16 -13.42 6.75
N LEU D 137 -5.00 -13.91 7.18
CA LEU D 137 -3.96 -13.09 7.78
C LEU D 137 -3.33 -12.17 6.74
N GLU D 138 -3.23 -12.66 5.52
CA GLU D 138 -2.61 -11.88 4.43
C GLU D 138 -3.57 -10.89 3.80
N GLY D 139 -4.81 -10.89 4.27
CA GLY D 139 -5.83 -10.02 3.71
C GLY D 139 -6.40 -10.54 2.39
N ARG D 140 -6.28 -11.84 2.16
CA ARG D 140 -6.68 -12.42 0.87
C ARG D 140 -7.88 -13.37 0.95
N PHE D 141 -8.59 -13.32 2.07
CA PHE D 141 -9.84 -14.05 2.23
C PHE D 141 -10.82 -13.11 2.88
N LYS D 142 -11.89 -12.79 2.16
CA LYS D 142 -12.92 -11.87 2.63
C LYS D 142 -14.29 -12.55 2.62
N VAL D 143 -15.15 -12.17 3.58
CA VAL D 143 -16.52 -12.64 3.64
C VAL D 143 -17.47 -11.44 3.57
N PHE D 144 -18.43 -11.45 2.66
CA PHE D 144 -19.44 -10.38 2.58
C PHE D 144 -20.14 -10.25 3.93
N ASN D 145 -20.40 -9.03 4.37
CA ASN D 145 -21.06 -8.83 5.65
C ASN D 145 -22.50 -9.35 5.70
N THR D 146 -23.02 -9.74 4.55
CA THR D 146 -24.36 -10.32 4.45
C THR D 146 -24.37 -11.85 4.62
N CYS D 147 -23.19 -12.43 4.85
CA CYS D 147 -23.06 -13.89 5.01
C CYS D 147 -22.91 -14.24 6.49
N GLU D 148 -23.85 -13.78 7.29
CA GLU D 148 -23.80 -13.99 8.74
C GLU D 148 -23.63 -15.44 9.25
N PRO D 149 -24.24 -16.44 8.58
CA PRO D 149 -24.00 -17.82 9.05
C PRO D 149 -22.53 -18.25 9.04
N PHE D 150 -21.70 -17.63 8.19
CA PHE D 150 -20.27 -17.89 8.25
C PHE D 150 -19.70 -17.41 9.57
N PHE D 151 -20.03 -16.19 9.96
CA PHE D 151 -19.43 -15.58 11.14
C PHE D 151 -19.88 -16.27 12.43
N GLU D 152 -21.12 -16.73 12.44
CA GLU D 152 -21.65 -17.51 13.56
C GLU D 152 -20.81 -18.75 13.82
N GLU D 153 -20.38 -19.42 12.75
CA GLU D 153 -19.56 -20.63 12.86
C GLU D 153 -18.09 -20.29 13.16
N PHE D 154 -17.60 -19.26 12.47
CA PHE D 154 -16.24 -18.75 12.63
C PHE D 154 -15.95 -18.46 14.10
N ARG D 155 -16.94 -17.86 14.77
CA ARG D 155 -16.82 -17.50 16.18
C ARG D 155 -16.71 -18.69 17.15
N LEU D 156 -17.31 -19.81 16.77
CA LEU D 156 -17.40 -20.99 17.62
C LEU D 156 -16.39 -22.10 17.29
N TYR D 157 -15.75 -22.01 16.12
CA TYR D 157 -14.85 -23.05 15.65
C TYR D 157 -13.63 -23.18 16.54
N HIS D 158 -13.44 -24.35 17.16
CA HIS D 158 -12.37 -24.50 18.14
C HIS D 158 -11.82 -25.92 18.18
N ARG D 159 -10.75 -26.11 18.96
CA ARG D 159 -10.18 -27.43 19.17
C ARG D 159 -10.53 -27.94 20.57
N ASP D 160 -10.61 -29.26 20.71
CA ASP D 160 -10.88 -29.82 22.03
C ASP D 160 -9.67 -29.75 22.94
N GLU D 161 -9.74 -30.40 24.08
CA GLU D 161 -8.69 -30.30 25.08
C GLU D 161 -7.37 -30.91 24.61
N ASN D 162 -7.44 -31.80 23.62
CA ASN D 162 -6.24 -32.49 23.13
C ASN D 162 -5.73 -31.95 21.78
N GLY D 163 -6.41 -30.95 21.25
CA GLY D 163 -5.94 -30.29 20.04
C GLY D 163 -6.64 -30.68 18.75
N LYS D 164 -7.68 -31.50 18.83
CA LYS D 164 -8.42 -31.92 17.64
C LYS D 164 -9.56 -30.95 17.34
N ILE D 165 -9.78 -30.67 16.06
CA ILE D 165 -10.92 -29.87 15.64
C ILE D 165 -12.20 -30.46 16.22
N VAL D 166 -13.03 -29.62 16.81
CA VAL D 166 -14.36 -30.04 17.23
C VAL D 166 -15.30 -29.79 16.05
N LYS D 167 -15.79 -30.87 15.47
CA LYS D 167 -16.57 -30.79 14.24
C LYS D 167 -18.08 -30.61 14.48
N THR D 168 -18.45 -29.42 14.96
CA THR D 168 -19.83 -28.98 15.11
C THR D 168 -19.94 -27.53 14.62
N ASN D 169 -21.16 -27.09 14.30
CA ASN D 169 -21.42 -25.76 13.77
C ASN D 169 -20.41 -25.40 12.69
N ASP D 170 -20.21 -26.31 11.73
CA ASP D 170 -19.15 -26.14 10.75
C ASP D 170 -19.56 -26.49 9.32
N ASP D 171 -20.85 -26.36 9.03
CA ASP D 171 -21.37 -26.68 7.71
C ASP D 171 -21.00 -25.65 6.64
N VAL D 172 -21.16 -24.36 6.95
CA VAL D 172 -20.69 -23.29 6.07
C VAL D 172 -19.16 -23.30 5.95
N LEU D 173 -18.46 -23.58 7.05
CA LEU D 173 -17.01 -23.68 7.05
C LEU D 173 -16.54 -24.82 6.14
N ASP D 174 -17.12 -26.00 6.31
CA ASP D 174 -16.80 -27.13 5.44
C ASP D 174 -17.04 -26.82 3.97
N ALA D 175 -18.24 -26.34 3.66
CA ALA D 175 -18.58 -25.95 2.28
C ALA D 175 -17.57 -24.95 1.73
N THR D 176 -17.24 -23.92 2.50
CA THR D 176 -16.26 -22.94 2.06
C THR D 176 -14.92 -23.59 1.75
N ARG D 177 -14.53 -24.53 2.60
CA ARG D 177 -13.27 -25.23 2.44
C ARG D 177 -13.31 -26.09 1.17
N TYR D 178 -14.46 -26.71 0.89
CA TYR D 178 -14.61 -27.53 -0.32
C TYR D 178 -14.49 -26.72 -1.59
N GLY D 179 -15.09 -25.52 -1.60
CA GLY D 179 -15.03 -24.64 -2.75
C GLY D 179 -13.61 -24.19 -2.99
N TYR D 180 -12.91 -23.87 -1.91
CA TYR D 180 -11.53 -23.45 -1.99
C TYR D 180 -10.63 -24.58 -2.51
N MET D 181 -10.85 -25.80 -2.03
CA MET D 181 -10.05 -26.95 -2.47
C MET D 181 -10.21 -27.20 -3.96
N MET D 182 -11.44 -27.01 -4.44
CA MET D 182 -11.78 -27.29 -5.84
C MET D 182 -11.74 -26.04 -6.74
N ARG D 183 -11.06 -25.00 -6.28
CA ARG D 183 -11.01 -23.74 -7.00
C ARG D 183 -10.50 -23.84 -8.45
N ARG D 184 -9.79 -24.93 -8.76
CA ARG D 184 -9.32 -25.15 -10.15
C ARG D 184 -10.48 -25.38 -11.12
N PHE D 185 -11.66 -25.67 -10.56
CA PHE D 185 -12.88 -25.85 -11.36
C PHE D 185 -13.79 -24.62 -11.41
N ALA D 186 -13.41 -23.57 -10.68
CA ALA D 186 -14.13 -22.30 -10.71
C ALA D 186 -14.15 -21.74 -12.13
N ARG D 187 -15.29 -21.20 -12.53
CA ARG D 187 -15.45 -20.69 -13.89
C ARG D 187 -15.44 -19.15 -13.92
N MET D 188 -14.84 -18.59 -14.96
CA MET D 188 -14.76 -17.14 -15.08
C MET D 188 -16.15 -16.56 -15.25
N MET D 189 -16.45 -15.52 -14.48
CA MET D 189 -17.77 -14.89 -14.48
C MET D 189 -18.30 -14.57 -15.88
N ARG D 190 -17.48 -14.01 -16.76
CA ARG D 190 -17.97 -13.64 -18.09
C ARG D 190 -18.25 -14.80 -19.01
N ASP D 191 -17.66 -15.95 -18.72
CA ASP D 191 -17.91 -17.17 -19.50
C ASP D 191 -19.13 -17.90 -18.98
N ILE D 192 -19.58 -17.56 -17.77
CA ILE D 192 -20.71 -18.25 -17.19
C ILE D 192 -21.90 -18.07 -18.10
N ARG D 193 -22.50 -16.88 -18.03
CA ARG D 193 -23.48 -16.42 -19.00
C ARG D 193 -23.61 -14.94 -18.64
N LYS D 194 -23.00 -14.09 -19.46
CA LYS D 194 -22.84 -12.70 -19.16
C LYS D 194 -22.47 -11.93 -20.41
#